data_3F7A
#
_entry.id   3F7A
#
_cell.length_a   120.873
_cell.length_b   178.970
_cell.length_c   57.067
_cell.angle_alpha   90.000
_cell.angle_beta   90.000
_cell.angle_gamma   90.000
#
_symmetry.space_group_name_H-M   'P 21 21 2'
#
_entity_poly.entity_id   1
_entity_poly.type   'polypeptide(L)'
_entity_poly.pdbx_seq_one_letter_code
;MHKVSATLLIIDDDEVVRESLAAYLEDSNFKVLQALNGLQGLQIFESEQPDLVICDLR(MSE)PQIDGLELIRRIRQTAS
ETPIIVLSGAGVMSDAVEALRLGAADYLIKPLEDLAVLEHSVRRALDRAYLRVENQRYRDKLEAANRELQASLNLLQEDQ
NAGRQVQ(MSE)N(MSE)LPVTPWSIEGLEFSHRIIPSLYLSGDFVDYFRVDERRVAFYLADVSGHGASSAFVTVLLKF
(MSE)TTRLLYESRRNGTLPEFKPSEVLAHINRGLINTKLGKHVT(MSE)LGGVIDLEKNSLTYSIGGHLPLPVLFVEGQ
AGYLEGRGLPVGLFDDATYDDRV(MSE)ELPPSFSLSLFSDGILDVLPGATLKEKEASLPEQVAAAGGTLDGLRQVFGLA
NLAEMPDDIALLVLSRNLA
;
_entity_poly.pdbx_strand_id   A,B
#
# COMPACT_ATOMS: atom_id res chain seq x y z
N VAL A 4 -19.69 8.91 -37.28
CA VAL A 4 -18.72 8.60 -36.22
C VAL A 4 -19.42 8.45 -34.87
N SER A 5 -20.47 7.64 -34.83
CA SER A 5 -21.24 7.42 -33.60
C SER A 5 -21.54 5.94 -33.37
N ALA A 6 -22.72 5.67 -32.83
CA ALA A 6 -23.16 4.30 -32.56
C ALA A 6 -23.63 3.61 -33.84
N THR A 7 -23.81 2.30 -33.78
CA THR A 7 -24.22 1.53 -34.95
C THR A 7 -25.55 0.78 -34.71
N LEU A 8 -26.49 0.96 -35.64
CA LEU A 8 -27.81 0.37 -35.52
C LEU A 8 -27.98 -0.92 -36.31
N LEU A 9 -29.18 -1.50 -36.25
CA LEU A 9 -29.49 -2.74 -36.97
C LEU A 9 -30.99 -2.87 -37.25
N ILE A 10 -31.46 -2.23 -38.31
CA ILE A 10 -32.88 -2.29 -38.67
C ILE A 10 -33.24 -3.61 -39.35
N ILE A 11 -34.40 -4.15 -39.02
CA ILE A 11 -34.85 -5.43 -39.56
C ILE A 11 -36.34 -5.39 -39.88
N ASP A 12 -36.69 -4.73 -40.98
CA ASP A 12 -38.09 -4.58 -41.38
C ASP A 12 -38.34 -5.20 -42.74
N ASP A 13 -39.50 -5.83 -42.91
CA ASP A 13 -39.83 -6.47 -44.18
C ASP A 13 -39.95 -5.45 -45.30
N ASP A 14 -40.97 -4.60 -45.21
CA ASP A 14 -41.22 -3.57 -46.22
C ASP A 14 -39.92 -2.91 -46.68
N GLU A 15 -39.53 -3.16 -47.92
CA GLU A 15 -38.32 -2.55 -48.46
C GLU A 15 -38.50 -1.05 -48.65
N VAL A 16 -39.75 -0.62 -48.80
CA VAL A 16 -40.07 0.79 -48.95
C VAL A 16 -39.97 1.51 -47.62
N VAL A 17 -40.31 0.81 -46.54
CA VAL A 17 -40.25 1.39 -45.21
C VAL A 17 -38.84 1.37 -44.64
N ARG A 18 -38.12 0.28 -44.89
CA ARG A 18 -36.76 0.11 -44.37
C ARG A 18 -35.78 1.07 -45.04
N GLU A 19 -36.12 1.50 -46.26
CA GLU A 19 -35.23 2.35 -47.04
C GLU A 19 -35.17 3.78 -46.50
N SER A 20 -36.35 4.35 -46.23
CA SER A 20 -36.41 5.70 -45.70
C SER A 20 -35.83 5.76 -44.28
N LEU A 21 -36.23 4.82 -43.44
CA LEU A 21 -35.74 4.76 -42.06
C LEU A 21 -34.22 4.70 -42.00
N ALA A 22 -33.61 4.10 -43.01
CA ALA A 22 -32.15 3.95 -43.05
C ALA A 22 -31.46 5.23 -43.49
N ALA A 23 -31.97 5.83 -44.56
CA ALA A 23 -31.36 7.04 -45.12
C ALA A 23 -31.41 8.21 -44.14
N TYR A 24 -32.27 8.10 -43.13
CA TYR A 24 -32.44 9.15 -42.14
C TYR A 24 -31.58 8.89 -40.90
N LEU A 25 -31.59 7.65 -40.44
CA LEU A 25 -30.77 7.26 -39.29
C LEU A 25 -29.28 7.35 -39.63
N GLU A 26 -28.96 7.06 -40.88
CA GLU A 26 -27.57 7.11 -41.35
C GLU A 26 -27.18 8.54 -41.68
N ASP A 27 -28.13 9.46 -41.51
CA ASP A 27 -27.89 10.86 -41.77
C ASP A 27 -27.49 11.58 -40.48
N SER A 28 -27.67 10.90 -39.35
CA SER A 28 -27.32 11.45 -38.05
C SER A 28 -26.09 10.76 -37.47
N ASN A 29 -25.22 10.28 -38.35
CA ASN A 29 -23.97 9.63 -37.95
C ASN A 29 -24.16 8.23 -37.35
N PHE A 30 -25.16 7.51 -37.85
CA PHE A 30 -25.41 6.15 -37.36
C PHE A 30 -25.25 5.11 -38.48
N LYS A 31 -24.45 4.09 -38.21
CA LYS A 31 -24.30 2.98 -39.15
C LYS A 31 -25.52 2.08 -39.11
N VAL A 32 -26.34 2.17 -40.15
CA VAL A 32 -27.59 1.42 -40.20
C VAL A 32 -27.43 0.11 -40.97
N LEU A 33 -27.37 -1.00 -40.24
CA LEU A 33 -27.28 -2.32 -40.85
C LEU A 33 -28.68 -2.87 -41.12
N GLN A 34 -29.00 -3.10 -42.39
CA GLN A 34 -30.32 -3.58 -42.76
C GLN A 34 -30.38 -5.11 -42.82
N ALA A 35 -31.59 -5.66 -42.85
CA ALA A 35 -31.78 -7.11 -42.93
C ALA A 35 -33.14 -7.42 -43.54
N LEU A 36 -33.14 -7.81 -44.81
CA LEU A 36 -34.37 -8.04 -45.56
C LEU A 36 -35.28 -9.09 -44.91
N ASN A 37 -34.67 -10.06 -44.25
CA ASN A 37 -35.45 -11.11 -43.56
C ASN A 37 -35.06 -11.29 -42.10
N GLY A 38 -36.06 -11.54 -41.27
CA GLY A 38 -35.86 -11.70 -39.84
C GLY A 38 -34.79 -12.70 -39.45
N LEU A 39 -34.44 -13.59 -40.38
CA LEU A 39 -33.41 -14.58 -40.08
C LEU A 39 -32.02 -13.96 -40.15
N GLN A 40 -31.67 -13.42 -41.30
CA GLN A 40 -30.32 -12.89 -41.51
C GLN A 40 -29.93 -11.87 -40.45
N GLY A 41 -30.92 -11.17 -39.90
CA GLY A 41 -30.67 -10.24 -38.83
C GLY A 41 -30.09 -10.96 -37.62
N LEU A 42 -30.71 -12.09 -37.28
CA LEU A 42 -30.22 -12.92 -36.18
C LEU A 42 -28.78 -13.32 -36.44
N GLN A 43 -28.40 -13.41 -37.71
CA GLN A 43 -27.03 -13.78 -38.08
C GLN A 43 -26.12 -12.56 -38.04
N ILE A 44 -26.68 -11.39 -38.30
CA ILE A 44 -25.92 -10.14 -38.26
C ILE A 44 -25.53 -9.80 -36.83
N PHE A 45 -26.39 -10.14 -35.88
CA PHE A 45 -26.14 -9.82 -34.48
C PHE A 45 -25.07 -10.71 -33.87
N GLU A 46 -24.82 -11.86 -34.50
CA GLU A 46 -23.85 -12.82 -33.97
C GLU A 46 -22.43 -12.57 -34.46
N SER A 47 -22.27 -12.26 -35.75
CA SER A 47 -20.97 -11.95 -36.32
C SER A 47 -20.31 -10.80 -35.55
N GLU A 48 -20.94 -9.63 -35.59
CA GLU A 48 -20.54 -8.53 -34.74
C GLU A 48 -21.75 -8.11 -33.92
N GLN A 49 -21.52 -7.40 -32.82
CA GLN A 49 -22.62 -6.98 -31.95
C GLN A 49 -23.06 -5.55 -32.23
N PRO A 50 -24.22 -5.39 -32.88
CA PRO A 50 -24.81 -4.06 -33.10
C PRO A 50 -25.24 -3.46 -31.77
N ASP A 51 -25.51 -2.15 -31.75
CA ASP A 51 -25.83 -1.45 -30.51
C ASP A 51 -27.33 -1.47 -30.18
N LEU A 52 -28.17 -1.15 -31.16
CA LEU A 52 -29.62 -1.17 -30.96
C LEU A 52 -30.35 -1.77 -32.16
N VAL A 53 -31.17 -2.76 -31.90
CA VAL A 53 -31.89 -3.47 -32.95
C VAL A 53 -33.37 -3.08 -33.04
N ILE A 54 -33.74 -2.46 -34.16
CA ILE A 54 -35.12 -2.03 -34.38
C ILE A 54 -35.77 -2.89 -35.46
N CYS A 55 -36.81 -3.63 -35.09
CA CYS A 55 -37.46 -4.55 -36.02
C CYS A 55 -38.98 -4.54 -35.93
N ASP A 56 -39.62 -5.14 -36.92
CA ASP A 56 -41.07 -5.31 -36.90
C ASP A 56 -41.39 -6.68 -36.30
N LEU A 57 -42.43 -7.35 -36.82
CA LEU A 57 -42.74 -8.69 -36.34
C LEU A 57 -43.02 -9.72 -37.45
N ARG A 58 -44.04 -9.46 -38.27
CA ARG A 58 -44.38 -10.40 -39.34
C ARG A 58 -43.31 -10.40 -40.43
N MSE A 59 -42.45 -11.42 -40.42
CA MSE A 59 -41.37 -11.51 -41.40
C MSE A 59 -41.09 -12.95 -41.82
O MSE A 59 -41.30 -13.88 -41.04
CB MSE A 59 -40.10 -10.90 -40.83
CG MSE A 59 -40.21 -9.43 -40.48
SE MSE A 59 -38.58 -8.80 -39.64
CE MSE A 59 -38.56 -10.02 -38.12
N PRO A 60 -40.62 -13.12 -43.06
CA PRO A 60 -40.23 -14.42 -43.61
C PRO A 60 -39.12 -15.08 -42.79
N GLN A 61 -39.20 -16.39 -42.63
CA GLN A 61 -38.23 -17.16 -41.84
C GLN A 61 -38.46 -16.96 -40.34
N ILE A 62 -37.61 -16.17 -39.71
CA ILE A 62 -37.76 -15.88 -38.28
C ILE A 62 -38.53 -14.58 -38.06
N ASP A 63 -39.69 -14.68 -37.42
CA ASP A 63 -40.49 -13.51 -37.12
C ASP A 63 -39.84 -12.65 -36.03
N GLY A 64 -40.49 -11.54 -35.68
CA GLY A 64 -39.96 -10.64 -34.67
C GLY A 64 -39.86 -11.29 -33.30
N LEU A 65 -40.93 -11.96 -32.88
CA LEU A 65 -41.01 -12.58 -31.56
C LEU A 65 -39.81 -13.48 -31.25
N GLU A 66 -39.53 -14.41 -32.16
CA GLU A 66 -38.41 -15.34 -31.98
C GLU A 66 -37.08 -14.59 -32.03
N LEU A 67 -36.93 -13.72 -33.03
CA LEU A 67 -35.69 -12.97 -33.23
C LEU A 67 -35.12 -12.46 -31.91
N ILE A 68 -35.98 -11.84 -31.10
CA ILE A 68 -35.56 -11.32 -29.81
C ILE A 68 -35.26 -12.46 -28.84
N ARG A 69 -36.16 -13.43 -28.77
CA ARG A 69 -36.06 -14.53 -27.81
C ARG A 69 -34.67 -15.16 -27.76
N ARG A 70 -33.96 -15.12 -28.88
CA ARG A 70 -32.62 -15.69 -28.96
C ARG A 70 -31.54 -14.68 -28.60
N ILE A 71 -31.67 -13.46 -29.11
CA ILE A 71 -30.69 -12.41 -28.82
C ILE A 71 -30.50 -12.31 -27.31
N ARG A 72 -31.55 -12.61 -26.55
CA ARG A 72 -31.47 -12.57 -25.10
C ARG A 72 -30.78 -13.82 -24.55
N GLN A 73 -31.08 -14.97 -25.15
CA GLN A 73 -30.48 -16.23 -24.72
C GLN A 73 -28.96 -16.23 -24.91
N THR A 74 -28.47 -15.41 -25.83
CA THR A 74 -27.04 -15.32 -26.09
C THR A 74 -26.35 -14.42 -25.06
N ALA A 75 -27.13 -13.98 -24.07
CA ALA A 75 -26.63 -13.17 -22.96
C ALA A 75 -26.12 -11.80 -23.41
N SER A 76 -26.28 -11.50 -24.70
CA SER A 76 -25.90 -10.21 -25.24
C SER A 76 -27.04 -9.22 -25.04
N GLU A 77 -27.24 -8.81 -23.79
CA GLU A 77 -28.33 -7.90 -23.44
C GLU A 77 -28.15 -6.51 -24.05
N THR A 78 -28.68 -6.34 -25.26
CA THR A 78 -28.59 -5.05 -25.93
C THR A 78 -29.98 -4.48 -26.19
N PRO A 79 -30.05 -3.19 -26.49
CA PRO A 79 -31.28 -2.44 -26.81
C PRO A 79 -32.06 -3.06 -27.97
N ILE A 80 -33.36 -3.19 -27.80
CA ILE A 80 -34.23 -3.80 -28.80
C ILE A 80 -35.55 -3.04 -28.95
N ILE A 81 -35.63 -2.20 -29.97
CA ILE A 81 -36.83 -1.42 -30.24
C ILE A 81 -37.79 -2.18 -31.16
N VAL A 82 -39.09 -1.99 -30.96
CA VAL A 82 -40.10 -2.78 -31.68
C VAL A 82 -41.23 -1.93 -32.28
N LEU A 83 -40.94 -1.19 -33.35
CA LEU A 83 -41.98 -0.42 -34.01
C LEU A 83 -42.75 -1.32 -34.98
N SER A 84 -44.08 -1.35 -34.85
CA SER A 84 -44.88 -2.31 -35.60
C SER A 84 -46.23 -1.78 -36.07
N GLY A 85 -46.97 -2.62 -36.79
CA GLY A 85 -48.30 -2.29 -37.25
C GLY A 85 -49.31 -3.33 -36.75
N ALA A 86 -48.89 -4.13 -35.77
CA ALA A 86 -49.75 -5.14 -35.18
C ALA A 86 -50.22 -4.71 -33.79
N GLY A 87 -51.46 -4.25 -33.69
CA GLY A 87 -51.98 -3.67 -32.46
C GLY A 87 -52.44 -4.68 -31.42
N VAL A 88 -52.15 -5.96 -31.65
CA VAL A 88 -52.51 -6.99 -30.68
C VAL A 88 -51.75 -6.77 -29.38
N MET A 89 -52.45 -6.81 -28.26
CA MET A 89 -51.81 -6.60 -26.97
C MET A 89 -50.92 -7.77 -26.59
N SER A 90 -51.36 -8.99 -26.91
CA SER A 90 -50.59 -10.19 -26.62
C SER A 90 -49.32 -10.25 -27.46
N ASP A 91 -49.18 -9.29 -28.38
CA ASP A 91 -47.95 -9.15 -29.15
C ASP A 91 -46.94 -8.36 -28.34
N ALA A 92 -47.34 -7.18 -27.89
CA ALA A 92 -46.45 -6.28 -27.16
C ALA A 92 -46.12 -6.80 -25.77
N VAL A 93 -47.09 -7.46 -25.14
CA VAL A 93 -46.90 -8.02 -23.81
C VAL A 93 -45.63 -8.86 -23.75
N GLU A 94 -45.47 -9.75 -24.73
CA GLU A 94 -44.33 -10.65 -24.78
C GLU A 94 -43.04 -9.91 -25.15
N ALA A 95 -43.15 -9.00 -26.12
CA ALA A 95 -42.01 -8.22 -26.57
C ALA A 95 -41.44 -7.36 -25.44
N LEU A 96 -42.20 -7.24 -24.36
CA LEU A 96 -41.77 -6.44 -23.23
C LEU A 96 -41.58 -7.28 -21.97
N ARG A 97 -41.66 -8.60 -22.14
CA ARG A 97 -41.20 -9.53 -21.12
C ARG A 97 -39.77 -9.91 -21.44
N LEU A 98 -39.45 -9.86 -22.73
CA LEU A 98 -38.13 -10.24 -23.23
C LEU A 98 -37.16 -9.09 -23.05
N GLY A 99 -37.67 -7.96 -22.58
CA GLY A 99 -36.84 -6.80 -22.25
C GLY A 99 -36.57 -5.87 -23.42
N ALA A 100 -37.62 -5.45 -24.12
CA ALA A 100 -37.45 -4.47 -25.19
C ALA A 100 -37.19 -3.10 -24.59
N ALA A 101 -37.00 -2.10 -25.45
CA ALA A 101 -36.75 -0.74 -25.00
C ALA A 101 -38.02 0.11 -25.01
N ASP A 102 -38.53 0.40 -26.20
CA ASP A 102 -39.69 1.27 -26.35
C ASP A 102 -40.55 0.83 -27.54
N TYR A 103 -41.77 0.39 -27.28
CA TYR A 103 -42.69 -0.03 -28.33
C TYR A 103 -43.32 1.17 -29.04
N LEU A 104 -43.05 1.32 -30.33
CA LEU A 104 -43.63 2.42 -31.11
C LEU A 104 -44.74 1.91 -32.02
N ILE A 105 -45.44 2.81 -32.69
CA ILE A 105 -46.54 2.40 -33.56
C ILE A 105 -46.41 2.93 -34.99
N LYS A 106 -47.05 2.24 -35.93
CA LYS A 106 -47.04 2.65 -37.33
C LYS A 106 -48.44 3.04 -37.79
N PRO A 107 -48.53 3.77 -38.91
CA PRO A 107 -47.38 4.34 -39.61
C PRO A 107 -47.09 5.75 -39.14
N LEU A 108 -46.25 5.89 -38.12
CA LEU A 108 -45.90 7.21 -37.59
C LEU A 108 -45.39 8.12 -38.71
N GLU A 109 -45.76 9.40 -38.64
CA GLU A 109 -45.43 10.34 -39.69
C GLU A 109 -44.18 11.16 -39.35
N ASP A 110 -43.85 11.23 -38.07
CA ASP A 110 -42.68 11.97 -37.63
C ASP A 110 -41.51 11.03 -37.33
N LEU A 111 -40.48 11.07 -38.16
CA LEU A 111 -39.31 10.21 -38.00
C LEU A 111 -38.44 10.66 -36.83
N ALA A 112 -38.90 11.67 -36.10
CA ALA A 112 -38.15 12.21 -34.97
C ALA A 112 -38.45 11.44 -33.69
N VAL A 113 -39.70 11.02 -33.53
CA VAL A 113 -40.11 10.27 -32.34
C VAL A 113 -39.23 9.04 -32.15
N LEU A 114 -38.62 8.57 -33.23
CA LEU A 114 -37.74 7.41 -33.18
C LEU A 114 -36.36 7.78 -32.67
N GLU A 115 -35.83 8.90 -33.17
CA GLU A 115 -34.54 9.43 -32.72
C GLU A 115 -34.41 9.32 -31.20
N HIS A 116 -35.39 9.87 -30.49
CA HIS A 116 -35.35 9.90 -29.03
C HIS A 116 -35.45 8.50 -28.42
N SER A 117 -36.47 7.75 -28.84
CA SER A 117 -36.67 6.39 -28.34
C SER A 117 -35.41 5.56 -28.52
N VAL A 118 -34.57 5.96 -29.46
CA VAL A 118 -33.30 5.27 -29.72
C VAL A 118 -32.24 5.65 -28.70
N ARG A 119 -32.04 6.95 -28.52
CA ARG A 119 -31.05 7.45 -27.57
C ARG A 119 -31.48 7.24 -26.13
N ARG A 120 -32.73 6.81 -25.95
CA ARG A 120 -33.23 6.45 -24.62
C ARG A 120 -32.68 5.09 -24.21
N ALA A 121 -32.33 4.28 -25.21
CA ALA A 121 -31.77 2.96 -24.95
C ALA A 121 -30.25 3.03 -24.95
N LEU A 122 -29.69 3.62 -26.00
CA LEU A 122 -28.25 3.78 -26.13
C LEU A 122 -27.63 4.42 -24.88
N ASP A 123 -28.17 5.55 -24.46
CA ASP A 123 -27.64 6.27 -23.30
C ASP A 123 -27.79 5.47 -22.00
N ARG A 124 -28.92 4.79 -21.86
CA ARG A 124 -29.15 3.95 -20.69
C ARG A 124 -28.44 2.62 -20.82
N ALA A 125 -27.55 2.55 -21.81
CA ALA A 125 -26.74 1.36 -22.04
C ALA A 125 -25.25 1.73 -22.03
N TYR A 126 -24.93 2.88 -22.62
CA TYR A 126 -23.57 3.39 -22.58
C TYR A 126 -23.12 3.57 -21.14
N LEU A 127 -24.09 3.78 -20.25
CA LEU A 127 -23.81 3.87 -18.82
C LEU A 127 -23.73 2.48 -18.21
N ARG A 128 -24.41 1.52 -18.84
CA ARG A 128 -24.35 0.13 -18.39
C ARG A 128 -23.00 -0.49 -18.74
N VAL A 129 -22.36 0.04 -19.78
CA VAL A 129 -21.07 -0.47 -20.22
C VAL A 129 -19.93 0.29 -19.53
N GLU A 130 -20.22 1.51 -19.07
CA GLU A 130 -19.22 2.31 -18.36
C GLU A 130 -19.03 1.83 -16.93
N ASN A 131 -20.13 1.44 -16.28
CA ASN A 131 -20.05 0.94 -14.90
C ASN A 131 -19.72 -0.54 -14.87
N GLN A 132 -19.51 -1.13 -16.04
CA GLN A 132 -19.06 -2.51 -16.14
C GLN A 132 -17.56 -2.51 -16.45
N ARG A 133 -17.11 -1.44 -17.08
CA ARG A 133 -15.69 -1.22 -17.32
C ARG A 133 -15.09 -0.52 -16.11
N TYR A 134 -15.94 0.22 -15.39
CA TYR A 134 -15.53 0.88 -14.16
C TYR A 134 -15.32 -0.17 -13.08
N ARG A 135 -16.30 -1.06 -12.92
CA ARG A 135 -16.20 -2.17 -11.98
C ARG A 135 -14.98 -3.02 -12.31
N ASP A 136 -14.64 -3.09 -13.59
CA ASP A 136 -13.47 -3.84 -14.04
C ASP A 136 -12.20 -3.07 -13.74
N LYS A 137 -12.17 -1.80 -14.13
CA LYS A 137 -11.01 -0.95 -13.89
C LYS A 137 -10.77 -0.73 -12.40
N LEU A 138 -11.85 -0.49 -11.66
CA LEU A 138 -11.77 -0.31 -10.22
C LEU A 138 -11.23 -1.57 -9.57
N GLU A 139 -11.68 -2.73 -10.05
CA GLU A 139 -11.25 -4.01 -9.50
C GLU A 139 -9.82 -4.33 -9.91
N ALA A 140 -9.55 -4.30 -11.21
CA ALA A 140 -8.21 -4.59 -11.72
C ALA A 140 -7.16 -3.67 -11.11
N ALA A 141 -7.46 -2.37 -11.06
CA ALA A 141 -6.53 -1.40 -10.51
C ALA A 141 -6.41 -1.56 -9.00
N ASN A 142 -7.52 -1.89 -8.35
CA ASN A 142 -7.52 -2.14 -6.92
C ASN A 142 -6.47 -3.17 -6.54
N ARG A 143 -6.64 -4.38 -7.05
CA ARG A 143 -5.71 -5.47 -6.79
C ARG A 143 -4.32 -5.13 -7.28
N GLU A 144 -4.23 -4.55 -8.47
CA GLU A 144 -2.95 -4.16 -9.06
C GLU A 144 -2.18 -3.29 -8.08
N LEU A 145 -2.89 -2.45 -7.35
CA LEU A 145 -2.30 -1.65 -6.29
C LEU A 145 -1.88 -2.57 -5.15
N GLN A 146 -2.81 -3.40 -4.69
CA GLN A 146 -2.55 -4.31 -3.56
C GLN A 146 -1.24 -5.06 -3.73
N ALA A 147 -0.89 -5.36 -4.97
CA ALA A 147 0.36 -6.07 -5.27
C ALA A 147 1.57 -5.19 -4.95
N SER A 148 1.40 -3.88 -5.06
CA SER A 148 2.47 -2.94 -4.76
C SER A 148 2.39 -2.47 -3.30
N LEU A 149 1.38 -2.96 -2.58
CA LEU A 149 1.23 -2.61 -1.17
C LEU A 149 1.81 -3.73 -0.31
N ASN A 150 1.38 -4.95 -0.59
CA ASN A 150 1.88 -6.13 0.12
C ASN A 150 3.33 -6.43 -0.25
N LEU A 151 3.93 -5.55 -1.05
CA LEU A 151 5.32 -5.71 -1.46
C LEU A 151 6.21 -4.72 -0.70
N LEU A 152 5.72 -3.50 -0.52
CA LEU A 152 6.44 -2.52 0.29
C LEU A 152 6.40 -2.89 1.76
N GLN A 153 5.31 -3.53 2.18
CA GLN A 153 5.14 -3.93 3.57
C GLN A 153 6.21 -4.92 4.00
N GLU A 154 6.57 -5.83 3.10
CA GLU A 154 7.59 -6.83 3.39
C GLU A 154 8.96 -6.17 3.58
N ASP A 155 9.16 -5.04 2.94
CA ASP A 155 10.41 -4.28 3.07
C ASP A 155 10.56 -3.75 4.48
N GLN A 156 9.46 -3.28 5.04
CA GLN A 156 9.45 -2.78 6.41
C GLN A 156 9.75 -3.91 7.39
N ASN A 157 9.07 -5.04 7.20
CA ASN A 157 9.31 -6.23 8.02
C ASN A 157 10.79 -6.56 8.12
N ALA A 158 11.51 -6.39 7.01
CA ALA A 158 12.94 -6.62 7.00
C ALA A 158 13.61 -5.70 8.02
N GLY A 159 13.21 -4.44 8.02
CA GLY A 159 13.72 -3.48 8.97
C GLY A 159 13.25 -3.79 10.37
N ARG A 160 12.25 -4.66 10.47
CA ARG A 160 11.69 -5.05 11.77
C ARG A 160 12.47 -6.21 12.38
N GLN A 161 12.58 -7.31 11.62
CA GLN A 161 13.27 -8.50 12.10
C GLN A 161 14.78 -8.26 12.20
N VAL A 162 15.22 -7.07 11.78
CA VAL A 162 16.63 -6.71 11.86
C VAL A 162 16.94 -5.98 13.16
N GLN A 163 15.91 -5.39 13.76
CA GLN A 163 16.06 -4.69 15.03
C GLN A 163 15.76 -5.63 16.19
N MSE A 164 14.82 -6.54 15.99
CA MSE A 164 14.47 -7.51 17.03
C MSE A 164 15.71 -8.29 17.45
O MSE A 164 15.82 -8.74 18.59
CB MSE A 164 13.39 -8.48 16.53
CG MSE A 164 12.08 -7.81 16.12
SE MSE A 164 11.15 -6.93 17.59
CE MSE A 164 9.65 -6.20 16.60
N ASN A 165 16.65 -8.45 16.53
CA ASN A 165 17.89 -9.16 16.80
C ASN A 165 18.94 -8.23 17.42
N MSE A 166 18.58 -6.97 17.58
CA MSE A 166 19.48 -5.99 18.17
C MSE A 166 19.21 -5.83 19.67
O MSE A 166 20.15 -5.87 20.47
CB MSE A 166 19.33 -4.63 17.46
CG MSE A 166 20.57 -3.76 17.53
SE MSE A 166 20.33 -2.06 16.60
CE MSE A 166 22.21 -1.59 16.34
N LEU A 167 17.95 -5.66 20.04
CA LEU A 167 17.58 -5.54 21.45
C LEU A 167 17.78 -6.86 22.18
N PRO A 168 18.14 -6.78 23.47
CA PRO A 168 18.42 -7.95 24.32
C PRO A 168 17.23 -8.90 24.43
N VAL A 169 17.41 -9.97 25.21
CA VAL A 169 16.39 -10.99 25.33
C VAL A 169 15.71 -10.95 26.69
N THR A 170 14.45 -11.36 26.74
CA THR A 170 13.67 -11.28 27.96
C THR A 170 13.08 -12.62 28.37
N PRO A 171 12.87 -12.83 29.67
CA PRO A 171 13.28 -11.92 30.74
C PRO A 171 14.69 -12.25 31.24
N TRP A 172 15.71 -11.67 30.61
CA TRP A 172 17.09 -11.98 30.96
C TRP A 172 17.37 -11.77 32.44
N SER A 173 17.30 -12.87 33.21
CA SER A 173 17.48 -12.82 34.65
C SER A 173 18.91 -13.16 35.05
N ILE A 174 19.55 -12.25 35.77
CA ILE A 174 20.93 -12.46 36.25
C ILE A 174 21.05 -12.19 37.75
N GLU A 175 22.04 -12.82 38.38
CA GLU A 175 22.28 -12.65 39.81
C GLU A 175 21.02 -12.89 40.64
N GLU A 178 16.39 -9.56 36.72
CA GLU A 178 15.53 -9.79 35.57
C GLU A 178 15.32 -8.51 34.78
N PHE A 179 15.94 -8.41 33.61
CA PHE A 179 15.87 -7.21 32.79
C PHE A 179 14.84 -7.35 31.66
N SER A 180 13.58 -7.59 32.03
CA SER A 180 12.52 -7.75 31.04
C SER A 180 12.40 -6.53 30.12
N HIS A 181 11.61 -6.66 29.06
CA HIS A 181 11.29 -5.53 28.20
C HIS A 181 10.23 -5.89 27.16
N ARG A 182 9.82 -4.90 26.37
CA ARG A 182 8.78 -5.10 25.35
C ARG A 182 8.55 -3.82 24.55
N ILE A 183 9.01 -3.81 23.31
CA ILE A 183 8.85 -2.66 22.42
C ILE A 183 7.74 -2.90 21.40
N ILE A 184 6.67 -2.12 21.48
CA ILE A 184 5.59 -2.21 20.51
C ILE A 184 5.61 -0.99 19.58
N PRO A 185 6.35 -1.10 18.46
CA PRO A 185 6.47 -0.01 17.49
C PRO A 185 5.11 0.42 16.95
N SER A 186 5.03 1.66 16.48
CA SER A 186 3.79 2.18 15.89
C SER A 186 3.46 1.42 14.61
N LEU A 187 4.45 1.36 13.73
CA LEU A 187 4.30 0.67 12.45
C LEU A 187 5.67 0.28 11.91
N TYR A 188 5.93 -1.02 11.85
CA TYR A 188 7.20 -1.53 11.35
C TYR A 188 8.37 -1.08 12.23
N LEU A 189 9.24 -0.27 11.66
CA LEU A 189 10.42 0.22 12.38
C LEU A 189 10.02 1.25 13.42
N SER A 190 10.79 1.32 14.51
CA SER A 190 10.48 2.23 15.59
C SER A 190 11.66 3.12 15.96
N GLY A 191 11.36 4.27 16.57
CA GLY A 191 12.37 5.17 17.09
C GLY A 191 12.64 4.88 18.54
N ASP A 192 12.02 3.82 19.04
CA ASP A 192 12.21 3.39 20.42
C ASP A 192 13.26 2.30 20.51
N PHE A 193 14.11 2.38 21.52
CA PHE A 193 15.15 1.37 21.71
C PHE A 193 15.43 1.11 23.19
N VAL A 194 15.78 -0.13 23.51
CA VAL A 194 16.13 -0.50 24.88
C VAL A 194 17.24 -1.56 24.89
N ASP A 195 18.26 -1.33 25.71
CA ASP A 195 19.41 -2.23 25.79
C ASP A 195 19.95 -2.31 27.23
N TYR A 196 20.55 -3.45 27.57
CA TYR A 196 21.14 -3.64 28.89
C TYR A 196 22.20 -4.75 28.90
N PHE A 197 23.45 -4.36 28.71
CA PHE A 197 24.55 -5.32 28.65
C PHE A 197 25.37 -5.34 29.94
N ARG A 198 25.87 -6.52 30.29
CA ARG A 198 26.67 -6.68 31.50
C ARG A 198 28.09 -6.16 31.30
N VAL A 199 28.84 -6.05 32.39
CA VAL A 199 30.22 -5.61 32.33
C VAL A 199 31.09 -6.32 33.37
N ASP A 200 31.89 -7.26 32.91
CA ASP A 200 32.81 -8.03 33.77
C ASP A 200 32.17 -8.57 35.06
N GLU A 201 30.88 -8.86 35.00
CA GLU A 201 30.18 -9.54 36.10
C GLU A 201 30.02 -8.70 37.36
N ARG A 202 30.93 -7.75 37.57
CA ARG A 202 30.91 -6.92 38.77
C ARG A 202 29.95 -5.74 38.63
N ARG A 203 29.80 -5.26 37.40
CA ARG A 203 28.93 -4.12 37.13
C ARG A 203 28.04 -4.38 35.92
N VAL A 204 26.76 -4.01 36.03
CA VAL A 204 25.83 -4.19 34.92
C VAL A 204 25.22 -2.85 34.50
N ALA A 205 24.99 -2.68 33.20
CA ALA A 205 24.45 -1.44 32.68
C ALA A 205 23.05 -1.64 32.08
N PHE A 206 22.44 -0.53 31.66
CA PHE A 206 21.12 -0.55 31.04
C PHE A 206 20.73 0.84 30.58
N TYR A 207 19.70 0.92 29.74
CA TYR A 207 19.16 2.21 29.33
C TYR A 207 17.95 2.12 28.39
N LEU A 208 17.28 3.25 28.22
CA LEU A 208 16.14 3.38 27.32
C LEU A 208 16.24 4.72 26.58
N ALA A 209 15.62 4.82 25.42
CA ALA A 209 15.73 6.04 24.62
C ALA A 209 14.61 6.20 23.58
N ASP A 210 13.89 7.31 23.67
CA ASP A 210 12.83 7.63 22.70
C ASP A 210 13.33 8.67 21.70
N VAL A 211 13.56 8.24 20.47
CA VAL A 211 14.08 9.11 19.42
C VAL A 211 13.03 10.10 18.91
N SER A 212 13.51 11.25 18.42
CA SER A 212 12.65 12.31 17.89
C SER A 212 11.63 11.82 16.87
N GLY A 213 10.45 11.46 17.34
CA GLY A 213 9.39 10.97 16.46
C GLY A 213 9.50 9.49 16.20
N HIS A 214 8.76 9.02 15.19
CA HIS A 214 8.79 7.63 14.80
C HIS A 214 8.95 7.50 13.29
N GLY A 215 9.07 6.27 12.80
CA GLY A 215 9.19 6.02 11.38
C GLY A 215 10.60 5.72 10.92
N ALA A 216 10.92 6.14 9.70
CA ALA A 216 12.24 5.88 9.12
C ALA A 216 13.33 6.69 9.81
N SER A 217 13.31 8.01 9.58
CA SER A 217 14.37 8.90 10.05
C SER A 217 14.59 8.85 11.56
N SER A 218 13.72 8.18 12.29
CA SER A 218 13.86 8.07 13.73
C SER A 218 14.51 6.75 14.13
N ALA A 219 14.51 5.79 13.21
CA ALA A 219 15.07 4.47 13.48
C ALA A 219 16.58 4.42 13.25
N PHE A 220 17.06 5.06 12.19
CA PHE A 220 18.49 5.11 11.90
C PHE A 220 19.30 5.46 13.14
N VAL A 221 18.71 6.29 14.00
CA VAL A 221 19.40 6.76 15.19
C VAL A 221 19.48 5.68 16.27
N THR A 222 18.42 4.88 16.42
CA THR A 222 18.43 3.81 17.41
C THR A 222 19.61 2.87 17.20
N VAL A 223 20.06 2.76 15.96
CA VAL A 223 21.20 1.89 15.63
C VAL A 223 22.53 2.51 16.03
N LEU A 224 22.62 3.84 15.93
CA LEU A 224 23.81 4.57 16.33
C LEU A 224 23.96 4.59 17.85
N LEU A 225 22.94 4.12 18.55
CA LEU A 225 22.96 4.05 20.01
C LEU A 225 23.58 2.74 20.47
N LYS A 226 23.19 1.64 19.84
CA LYS A 226 23.65 0.32 20.23
C LYS A 226 25.12 0.10 19.86
N PHE A 227 25.62 0.93 18.96
CA PHE A 227 27.01 0.83 18.54
C PHE A 227 27.96 1.56 19.49
N MSE A 228 27.54 2.74 19.96
CA MSE A 228 28.40 3.56 20.80
C MSE A 228 28.32 3.18 22.26
O MSE A 228 29.17 3.57 23.06
CB MSE A 228 28.02 5.04 20.65
CG MSE A 228 27.85 5.49 19.22
SE MSE A 228 27.71 7.42 19.14
CE MSE A 228 29.57 7.85 19.58
N THR A 229 27.30 2.41 22.62
CA THR A 229 27.19 1.91 23.98
C THR A 229 27.98 0.61 24.11
N THR A 230 28.13 -0.09 22.99
CA THR A 230 28.90 -1.34 22.98
C THR A 230 30.36 -1.09 22.65
N ARG A 231 30.62 -0.17 21.72
CA ARG A 231 31.98 0.17 21.33
C ARG A 231 32.77 0.68 22.53
N LEU A 232 32.05 1.21 23.51
CA LEU A 232 32.67 1.66 24.75
C LEU A 232 33.18 0.47 25.55
N LEU A 233 32.51 -0.67 25.40
CA LEU A 233 32.93 -1.90 26.07
C LEU A 233 34.19 -2.47 25.43
N TYR A 234 34.20 -2.53 24.10
CA TYR A 234 35.33 -3.07 23.36
C TYR A 234 36.50 -2.10 23.30
N GLU A 235 36.40 -1.01 24.08
CA GLU A 235 37.46 -0.02 24.13
C GLU A 235 37.91 0.22 25.57
N SER A 236 36.95 0.22 26.50
CA SER A 236 37.24 0.45 27.90
C SER A 236 37.89 -0.75 28.57
N ARG A 237 39.03 -0.51 29.22
CA ARG A 237 39.72 -1.54 29.97
C ARG A 237 39.34 -1.47 31.44
N ARG A 238 38.16 -0.91 31.70
CA ARG A 238 37.64 -0.79 33.06
C ARG A 238 36.44 -1.69 33.28
N PHE A 245 33.60 5.35 34.92
CA PHE A 245 33.45 6.23 36.07
C PHE A 245 31.99 6.66 36.24
N LYS A 246 31.68 7.87 35.78
CA LYS A 246 30.33 8.41 35.89
C LYS A 246 29.44 7.91 34.75
N PRO A 247 28.23 7.45 35.10
CA PRO A 247 27.24 6.90 34.16
C PRO A 247 26.77 7.94 33.15
N SER A 248 26.61 9.18 33.60
CA SER A 248 26.18 10.26 32.71
C SER A 248 27.17 10.46 31.57
N GLU A 249 28.43 10.14 31.82
CA GLU A 249 29.48 10.31 30.81
C GLU A 249 29.07 9.69 29.48
N VAL A 250 28.48 8.50 29.54
CA VAL A 250 28.03 7.83 28.33
C VAL A 250 27.04 8.71 27.56
N LEU A 251 26.22 9.47 28.29
CA LEU A 251 25.26 10.36 27.65
C LEU A 251 25.95 11.48 26.90
N ALA A 252 27.05 11.97 27.47
CA ALA A 252 27.85 12.98 26.79
C ALA A 252 28.53 12.37 25.58
N HIS A 253 28.71 11.05 25.61
CA HIS A 253 29.32 10.33 24.50
C HIS A 253 28.36 10.30 23.31
N ILE A 254 27.13 9.88 23.55
CA ILE A 254 26.10 9.88 22.51
C ILE A 254 25.93 11.28 21.96
N ASN A 255 26.25 12.28 22.78
CA ASN A 255 26.14 13.69 22.39
C ASN A 255 27.03 14.06 21.19
N ARG A 256 28.34 14.02 21.39
CA ARG A 256 29.30 14.43 20.35
C ARG A 256 29.10 13.71 19.03
N GLY A 257 28.41 12.57 19.07
CA GLY A 257 28.12 11.82 17.86
C GLY A 257 26.87 12.33 17.17
N LEU A 258 25.75 12.26 17.86
CA LEU A 258 24.47 12.73 17.31
C LEU A 258 24.42 14.26 17.22
N ILE A 259 25.47 14.93 17.67
CA ILE A 259 25.58 16.37 17.54
C ILE A 259 26.50 16.74 16.38
N ASN A 260 27.16 15.73 15.81
CA ASN A 260 28.06 15.93 14.68
C ASN A 260 27.41 15.55 13.34
N THR A 261 26.48 16.38 12.88
CA THR A 261 25.78 16.17 11.62
C THR A 261 25.17 14.76 11.52
N LYS A 262 24.38 14.40 12.52
CA LYS A 262 23.77 13.07 12.58
C LYS A 262 22.26 13.12 12.37
N LEU A 263 21.85 13.43 11.14
CA LEU A 263 20.44 13.49 10.77
C LEU A 263 19.71 14.65 11.46
N GLY A 264 20.42 15.34 12.36
CA GLY A 264 19.85 16.47 13.07
C GLY A 264 18.78 16.06 14.07
N LYS A 265 18.80 14.79 14.48
CA LYS A 265 17.81 14.28 15.42
C LYS A 265 18.31 14.28 16.86
N HIS A 266 17.40 14.03 17.79
CA HIS A 266 17.74 14.00 19.21
C HIS A 266 17.09 12.82 19.92
N VAL A 267 17.55 12.52 21.13
CA VAL A 267 16.99 11.41 21.90
C VAL A 267 16.95 11.72 23.41
N THR A 268 15.87 11.31 24.05
CA THR A 268 15.68 11.54 25.48
C THR A 268 16.01 10.29 26.27
N MSE A 269 17.27 10.15 26.69
CA MSE A 269 17.78 8.92 27.30
C MSE A 269 17.42 8.74 28.77
O MSE A 269 16.73 9.57 29.37
CB MSE A 269 19.29 8.82 27.11
CG MSE A 269 19.73 8.23 25.77
SE MSE A 269 21.64 7.93 25.63
CE MSE A 269 21.95 7.12 27.39
N LEU A 270 17.92 7.65 29.36
CA LEU A 270 17.72 7.35 30.77
C LEU A 270 18.76 6.34 31.28
N GLY A 271 20.03 6.60 30.98
CA GLY A 271 21.11 5.69 31.33
C GLY A 271 21.27 5.44 32.82
N GLY A 272 22.34 4.73 33.20
CA GLY A 272 22.62 4.47 34.59
C GLY A 272 23.25 3.11 34.86
N VAL A 273 24.34 3.11 35.62
CA VAL A 273 25.06 1.88 35.96
C VAL A 273 24.61 1.35 37.32
N ILE A 274 24.67 0.03 37.49
CA ILE A 274 24.29 -0.59 38.76
C ILE A 274 25.26 -1.68 39.17
N ASP A 275 25.92 -1.46 40.31
CA ASP A 275 26.88 -2.43 40.85
C ASP A 275 26.13 -3.52 41.61
N LEU A 276 26.49 -4.78 41.33
CA LEU A 276 25.81 -5.92 41.93
C LEU A 276 26.47 -6.35 43.24
N GLU A 277 27.46 -5.60 43.69
CA GLU A 277 28.20 -5.96 44.89
C GLU A 277 27.95 -5.00 46.05
N LYS A 278 27.53 -3.78 45.72
CA LYS A 278 27.34 -2.75 46.75
C LYS A 278 25.89 -2.27 46.85
N ASN A 279 24.99 -2.88 46.09
CA ASN A 279 23.59 -2.51 46.10
C ASN A 279 23.37 -1.01 45.91
N SER A 280 23.92 -0.47 44.82
CA SER A 280 23.78 0.94 44.52
C SER A 280 23.48 1.19 43.05
N LEU A 281 22.79 2.29 42.77
CA LEU A 281 22.44 2.65 41.40
C LEU A 281 22.76 4.12 41.14
N THR A 282 23.48 4.38 40.06
CA THR A 282 23.85 5.74 39.70
C THR A 282 23.28 6.13 38.33
N TYR A 283 21.99 6.43 38.30
CA TYR A 283 21.34 6.86 37.06
C TYR A 283 21.79 8.25 36.64
N SER A 284 21.18 8.80 35.61
CA SER A 284 21.53 10.13 35.11
C SER A 284 20.70 10.54 33.89
N ILE A 285 19.42 10.80 34.10
CA ILE A 285 18.54 11.21 33.01
C ILE A 285 19.11 12.37 32.19
N GLY A 286 18.69 12.46 30.93
CA GLY A 286 19.12 13.54 30.05
C GLY A 286 17.97 14.44 29.64
N LEU A 289 11.71 13.00 29.24
CA LEU A 289 10.75 11.91 29.11
C LEU A 289 10.41 11.31 30.48
N PRO A 290 9.26 10.63 30.58
CA PRO A 290 8.75 10.07 31.84
C PRO A 290 9.85 9.44 32.71
N LEU A 291 10.02 10.00 33.90
CA LEU A 291 11.04 9.54 34.85
C LEU A 291 10.85 8.07 35.26
N PRO A 292 11.89 7.49 35.88
CA PRO A 292 11.89 6.13 36.42
C PRO A 292 10.93 5.93 37.59
N VAL A 293 9.92 5.08 37.38
CA VAL A 293 8.96 4.76 38.43
C VAL A 293 9.34 3.45 39.12
N LEU A 294 9.70 3.54 40.40
CA LEU A 294 10.07 2.34 41.16
C LEU A 294 8.94 1.83 42.06
N PHE A 295 8.76 0.51 42.07
CA PHE A 295 7.70 -0.12 42.84
C PHE A 295 8.28 -0.96 43.98
N VAL A 296 8.06 -0.49 45.21
CA VAL A 296 8.56 -1.19 46.38
C VAL A 296 7.53 -1.25 47.50
N GLU A 297 7.09 -2.46 47.83
CA GLU A 297 6.12 -2.68 48.90
C GLU A 297 4.80 -1.94 48.66
N GLY A 298 4.35 -1.94 47.41
CA GLY A 298 3.05 -1.37 47.07
C GLY A 298 3.03 0.14 46.97
N GLN A 299 4.19 0.73 46.74
CA GLN A 299 4.30 2.17 46.62
C GLN A 299 5.05 2.57 45.36
N ALA A 300 5.22 3.88 45.16
CA ALA A 300 5.94 4.39 43.99
C ALA A 300 6.78 5.60 44.36
N GLY A 301 7.34 6.25 43.36
CA GLY A 301 8.18 7.43 43.60
C GLY A 301 9.21 7.63 42.50
N TYR A 302 9.33 8.86 42.03
CA TYR A 302 10.25 9.18 40.94
C TYR A 302 11.63 9.55 41.47
N LEU A 303 12.57 9.76 40.57
CA LEU A 303 13.94 10.09 40.93
C LEU A 303 14.34 11.49 40.50
N GLU A 304 15.26 12.10 41.24
CA GLU A 304 15.71 13.46 40.94
C GLU A 304 16.65 13.50 39.73
N GLY A 305 16.31 14.36 38.76
CA GLY A 305 17.11 14.49 37.56
C GLY A 305 16.45 15.35 36.48
N ARG A 306 17.21 15.65 35.42
CA ARG A 306 16.71 16.50 34.34
C ARG A 306 17.55 16.33 33.08
N VAL A 310 20.43 14.26 26.15
CA VAL A 310 19.65 14.80 25.05
C VAL A 310 20.39 14.69 23.70
N GLY A 311 21.46 15.46 23.54
CA GLY A 311 22.25 15.37 22.31
C GLY A 311 21.83 16.38 21.26
N LEU A 312 21.72 17.64 21.68
CA LEU A 312 21.43 18.74 20.77
C LEU A 312 22.13 20.01 21.26
N PHE A 313 22.63 19.96 22.49
CA PHE A 313 23.35 21.08 23.06
C PHE A 313 24.85 20.83 23.05
N ASP A 314 25.60 21.78 22.49
CA ASP A 314 27.05 21.67 22.44
C ASP A 314 27.63 21.56 23.85
N ASP A 315 26.79 21.79 24.85
CA ASP A 315 27.21 21.72 26.25
C ASP A 315 26.77 20.40 26.88
N ALA A 316 27.64 19.82 27.69
CA ALA A 316 27.34 18.55 28.35
C ALA A 316 26.14 18.68 29.29
N THR A 317 26.39 19.19 30.50
CA THR A 317 25.34 19.45 31.46
C THR A 317 24.51 18.21 31.80
N TYR A 318 25.16 17.20 32.35
CA TYR A 318 24.48 15.99 32.81
C TYR A 318 24.89 15.66 34.24
N ASP A 319 23.91 15.33 35.08
CA ASP A 319 24.20 14.97 36.47
C ASP A 319 23.79 13.54 36.77
N ASP A 320 24.30 13.00 37.87
CA ASP A 320 24.02 11.64 38.28
C ASP A 320 23.96 11.50 39.80
N ARG A 321 22.78 11.17 40.32
CA ARG A 321 22.58 11.05 41.76
C ARG A 321 22.67 9.61 42.24
N VAL A 322 23.69 9.32 43.05
CA VAL A 322 23.90 7.99 43.60
C VAL A 322 22.76 7.58 44.53
N MSE A 323 22.48 6.27 44.57
CA MSE A 323 21.39 5.76 45.39
C MSE A 323 21.63 4.32 45.84
O MSE A 323 22.25 3.54 45.12
CB MSE A 323 20.07 5.84 44.62
CG MSE A 323 18.97 4.94 45.16
SE MSE A 323 17.34 4.99 44.09
CE MSE A 323 18.12 4.65 42.35
N GLU A 324 21.17 3.99 47.05
CA GLU A 324 21.27 2.63 47.56
C GLU A 324 20.03 1.83 47.18
N LEU A 325 20.20 0.54 46.96
CA LEU A 325 19.10 -0.33 46.54
C LEU A 325 18.61 -1.24 47.67
N PRO A 326 17.29 -1.29 47.87
CA PRO A 326 16.64 -2.15 48.86
C PRO A 326 16.59 -3.61 48.40
N PRO A 327 16.28 -4.53 49.33
CA PRO A 327 16.13 -5.95 48.98
C PRO A 327 15.15 -6.15 47.84
N SER A 328 14.03 -5.43 47.88
CA SER A 328 13.06 -5.45 46.79
C SER A 328 13.22 -4.21 45.93
N PHE A 329 12.89 -4.32 44.65
CA PHE A 329 13.09 -3.23 43.72
C PHE A 329 12.47 -3.55 42.35
N SER A 330 12.08 -2.51 41.62
CA SER A 330 11.49 -2.69 40.30
C SER A 330 11.35 -1.37 39.53
N LEU A 331 12.47 -0.82 39.08
CA LEU A 331 12.47 0.39 38.27
C LEU A 331 11.67 0.14 37.00
N SER A 332 11.23 1.21 36.35
CA SER A 332 10.42 1.07 35.14
C SER A 332 10.49 2.31 34.24
N LEU A 333 11.41 2.28 33.28
CA LEU A 333 11.59 3.40 32.37
C LEU A 333 10.60 3.33 31.21
N PHE A 334 9.88 4.42 30.96
CA PHE A 334 8.90 4.47 29.88
C PHE A 334 9.23 5.56 28.86
N SER A 335 8.94 5.29 27.59
CA SER A 335 9.17 6.25 26.52
C SER A 335 7.96 7.16 26.33
N ASP A 336 7.93 7.92 25.25
CA ASP A 336 6.85 8.87 25.01
C ASP A 336 5.53 8.17 24.66
N GLY A 337 5.18 7.17 25.47
CA GLY A 337 3.94 6.44 25.29
C GLY A 337 2.96 6.69 26.42
N ILE A 338 2.17 7.75 26.28
CA ILE A 338 1.23 8.16 27.30
C ILE A 338 -0.20 7.71 26.96
N LEU A 339 -1.00 7.46 27.99
CA LEU A 339 -2.39 7.06 27.84
C LEU A 339 -2.58 5.96 26.79
N GLY A 344 -5.58 7.97 32.24
CA GLY A 344 -6.44 9.10 32.56
C GLY A 344 -6.25 10.24 31.59
N ALA A 345 -5.10 10.89 31.65
CA ALA A 345 -4.78 12.01 30.77
C ALA A 345 -5.70 13.21 30.99
N THR A 346 -6.01 13.91 29.90
CA THR A 346 -6.86 15.10 29.94
C THR A 346 -6.27 16.21 30.82
N LEU A 347 -5.01 16.04 31.20
CA LEU A 347 -4.30 17.04 32.01
C LEU A 347 -2.86 16.60 32.26
N LYS A 348 -1.93 17.24 31.57
CA LYS A 348 -0.52 16.88 31.65
C LYS A 348 -0.05 16.55 33.07
N GLU A 349 -0.38 17.44 34.01
CA GLU A 349 0.03 17.25 35.40
C GLU A 349 -0.59 16.00 36.01
N LYS A 350 -1.88 15.78 35.74
CA LYS A 350 -2.59 14.62 36.26
C LYS A 350 -2.02 13.32 35.69
N GLU A 351 -1.71 13.33 34.41
CA GLU A 351 -1.15 12.15 33.75
C GLU A 351 0.35 12.04 33.98
N ALA A 352 0.90 12.95 34.78
CA ALA A 352 2.31 12.93 35.13
C ALA A 352 2.50 12.36 36.52
N SER A 353 1.40 12.29 37.27
CA SER A 353 1.41 11.69 38.59
C SER A 353 0.42 10.52 38.66
N LEU A 354 0.02 10.05 37.49
CA LEU A 354 -0.90 8.91 37.41
C LEU A 354 -0.17 7.60 37.12
N PRO A 355 0.84 7.63 36.23
CA PRO A 355 1.61 6.43 35.91
C PRO A 355 2.20 5.74 37.15
N GLU A 356 2.40 6.49 38.23
CA GLU A 356 2.90 5.91 39.48
C GLU A 356 1.77 5.26 40.27
N GLN A 357 0.56 5.78 40.10
CA GLN A 357 -0.62 5.24 40.76
C GLN A 357 -1.20 4.07 39.97
N VAL A 358 -0.81 3.99 38.70
CA VAL A 358 -1.18 2.87 37.85
C VAL A 358 -0.12 1.77 37.94
N ALA A 359 1.10 2.18 38.29
CA ALA A 359 2.20 1.25 38.45
C ALA A 359 2.02 0.42 39.72
N ALA A 360 1.66 1.10 40.80
CA ALA A 360 1.43 0.44 42.08
C ALA A 360 0.24 -0.51 42.00
N ALA A 361 -0.79 -0.09 41.27
CA ALA A 361 -1.99 -0.91 41.10
C ALA A 361 -1.71 -2.11 40.21
N GLY A 362 -0.77 -1.94 39.28
CA GLY A 362 -0.37 -3.02 38.39
C GLY A 362 0.43 -4.08 39.14
N GLY A 363 0.54 -5.26 38.52
CA GLY A 363 1.28 -6.35 39.12
C GLY A 363 2.78 -6.15 38.98
N THR A 364 3.24 -4.93 39.27
CA THR A 364 4.66 -4.59 39.23
C THR A 364 5.20 -4.43 37.82
N LEU A 365 4.85 -5.35 36.92
CA LEU A 365 5.33 -5.29 35.54
C LEU A 365 4.47 -6.08 34.56
N ASP A 366 3.97 -7.24 35.01
CA ASP A 366 3.17 -8.09 34.13
C ASP A 366 1.68 -7.96 34.45
N GLY A 367 1.38 -7.19 35.48
CA GLY A 367 0.01 -6.97 35.92
C GLY A 367 -0.85 -6.13 34.99
N LEU A 368 -0.50 -4.86 34.84
CA LEU A 368 -1.26 -3.95 33.97
C LEU A 368 -0.59 -3.70 32.62
N ARG A 369 0.52 -4.39 32.38
CA ARG A 369 1.20 -4.26 31.11
C ARG A 369 0.62 -5.24 30.09
N GLN A 370 0.44 -6.49 30.51
CA GLN A 370 -0.10 -7.54 29.66
C GLN A 370 -1.63 -7.48 29.63
N VAL A 371 -2.20 -6.59 30.44
CA VAL A 371 -3.66 -6.42 30.48
C VAL A 371 -4.11 -5.29 29.56
N PHE A 372 -3.23 -4.33 29.32
CA PHE A 372 -3.57 -3.17 28.49
C PHE A 372 -2.70 -3.06 27.24
N GLY A 373 -2.07 -4.17 26.86
CA GLY A 373 -1.27 -4.21 25.66
C GLY A 373 -1.99 -4.95 24.54
N LEU A 374 -2.68 -6.02 24.91
CA LEU A 374 -3.47 -6.80 23.95
C LEU A 374 -4.83 -6.15 23.74
N ALA A 375 -5.21 -5.26 24.65
CA ALA A 375 -6.48 -4.55 24.56
C ALA A 375 -6.54 -3.66 23.33
N ASN A 376 -5.56 -2.77 23.22
CA ASN A 376 -5.48 -1.88 22.06
C ASN A 376 -4.19 -2.09 21.26
N LEU A 377 -4.26 -2.95 20.25
CA LEU A 377 -3.11 -3.20 19.39
C LEU A 377 -2.95 -2.05 18.40
N ALA A 378 -3.94 -1.16 18.38
CA ALA A 378 -3.94 -0.02 17.46
C ALA A 378 -2.70 0.86 17.68
N GLU A 379 -2.17 1.39 16.59
CA GLU A 379 -0.96 2.19 16.64
C GLU A 379 -1.17 3.51 17.38
N MET A 380 -0.20 3.86 18.23
CA MET A 380 -0.26 5.09 19.00
C MET A 380 0.73 6.10 18.44
N PRO A 381 0.38 7.40 18.49
CA PRO A 381 1.30 8.46 18.04
C PRO A 381 2.67 8.32 18.69
N ASP A 382 3.73 8.42 17.88
CA ASP A 382 5.10 8.16 18.34
C ASP A 382 5.22 6.72 18.84
N ASP A 383 6.44 6.18 18.77
CA ASP A 383 6.68 4.83 19.24
C ASP A 383 6.58 4.75 20.76
N ILE A 384 6.08 3.62 21.24
CA ILE A 384 5.90 3.41 22.67
C ILE A 384 6.69 2.20 23.16
N ALA A 385 7.58 2.41 24.12
CA ALA A 385 8.45 1.34 24.60
C ALA A 385 8.74 1.42 26.08
N LEU A 386 8.96 0.28 26.71
CA LEU A 386 9.25 0.22 28.14
C LEU A 386 10.32 -0.79 28.50
N LEU A 387 10.88 -0.67 29.70
CA LEU A 387 11.95 -1.53 30.18
C LEU A 387 11.88 -1.68 31.69
N VAL A 388 11.33 -2.80 32.16
CA VAL A 388 11.09 -2.98 33.58
C VAL A 388 12.00 -4.01 34.24
N LEU A 389 12.71 -3.57 35.27
CA LEU A 389 13.60 -4.43 36.06
C LEU A 389 12.77 -5.15 37.12
N SER A 390 13.45 -5.93 37.97
CA SER A 390 12.77 -6.63 39.06
C SER A 390 13.76 -7.41 39.93
N ARG A 391 13.47 -7.45 41.23
CA ARG A 391 14.33 -8.14 42.19
C ARG A 391 13.60 -8.42 43.49
N ASN A 392 13.10 -9.65 43.64
CA ASN A 392 12.41 -10.07 44.85
C ASN A 392 12.02 -11.54 44.84
N VAL B 4 -39.31 -13.82 6.94
CA VAL B 4 -38.08 -13.16 6.52
C VAL B 4 -37.77 -13.44 5.06
N SER B 5 -38.13 -12.48 4.20
CA SER B 5 -37.92 -12.60 2.76
C SER B 5 -38.10 -11.26 2.07
N ALA B 6 -37.85 -11.22 0.77
CA ALA B 6 -38.05 -10.00 -0.01
C ALA B 6 -39.46 -9.45 0.21
N THR B 7 -39.55 -8.14 0.41
CA THR B 7 -40.83 -7.49 0.71
C THR B 7 -41.50 -6.91 -0.52
N LEU B 8 -42.81 -7.15 -0.66
CA LEU B 8 -43.57 -6.69 -1.81
C LEU B 8 -44.46 -5.49 -1.47
N LEU B 9 -45.42 -5.22 -2.35
CA LEU B 9 -46.35 -4.11 -2.17
C LEU B 9 -47.51 -4.21 -3.18
N ILE B 10 -48.50 -5.04 -2.87
CA ILE B 10 -49.62 -5.25 -3.78
C ILE B 10 -50.66 -4.13 -3.66
N ILE B 11 -50.86 -3.40 -4.74
CA ILE B 11 -51.79 -2.27 -4.74
C ILE B 11 -52.94 -2.50 -5.73
N ASP B 12 -53.89 -3.34 -5.35
CA ASP B 12 -55.03 -3.64 -6.21
C ASP B 12 -56.33 -3.16 -5.58
N ASP B 13 -57.15 -2.46 -6.37
CA ASP B 13 -58.39 -1.90 -5.87
C ASP B 13 -59.31 -2.97 -5.31
N ASP B 14 -59.60 -3.98 -6.12
CA ASP B 14 -60.46 -5.09 -5.70
C ASP B 14 -60.02 -5.63 -4.34
N GLU B 15 -60.85 -5.39 -3.32
CA GLU B 15 -60.54 -5.86 -1.97
C GLU B 15 -60.61 -7.38 -1.90
N VAL B 16 -61.29 -7.99 -2.88
CA VAL B 16 -61.43 -9.44 -2.94
C VAL B 16 -60.20 -10.09 -3.58
N VAL B 17 -59.79 -9.56 -4.72
CA VAL B 17 -58.62 -10.09 -5.43
C VAL B 17 -57.34 -9.87 -4.62
N ARG B 18 -57.19 -8.66 -4.08
CA ARG B 18 -56.01 -8.33 -3.29
C ARG B 18 -55.97 -9.11 -1.98
N GLU B 19 -57.11 -9.65 -1.58
CA GLU B 19 -57.21 -10.40 -0.34
C GLU B 19 -56.58 -11.78 -0.48
N SER B 20 -56.84 -12.42 -1.61
CA SER B 20 -56.31 -13.75 -1.88
C SER B 20 -54.84 -13.69 -2.25
N LEU B 21 -54.52 -12.82 -3.20
CA LEU B 21 -53.14 -12.68 -3.68
C LEU B 21 -52.17 -12.40 -2.53
N ALA B 22 -52.68 -11.77 -1.48
CA ALA B 22 -51.85 -11.43 -0.33
C ALA B 22 -51.56 -12.64 0.53
N ALA B 23 -52.57 -13.47 0.75
CA ALA B 23 -52.43 -14.65 1.60
C ALA B 23 -51.50 -15.69 0.96
N TYR B 24 -51.40 -15.64 -0.36
CA TYR B 24 -50.56 -16.59 -1.08
C TYR B 24 -49.10 -16.17 -1.09
N LEU B 25 -48.85 -14.93 -1.50
CA LEU B 25 -47.49 -14.40 -1.50
C LEU B 25 -46.91 -14.39 -0.10
N GLU B 26 -47.72 -14.02 0.89
CA GLU B 26 -47.27 -13.94 2.28
C GLU B 26 -47.03 -15.33 2.87
N ASP B 27 -47.64 -16.34 2.26
CA ASP B 27 -47.48 -17.71 2.73
C ASP B 27 -46.11 -18.26 2.36
N SER B 28 -45.54 -17.74 1.27
CA SER B 28 -44.22 -18.16 0.83
C SER B 28 -43.12 -17.25 1.38
N ASN B 29 -43.36 -16.72 2.58
CA ASN B 29 -42.38 -15.89 3.29
C ASN B 29 -42.27 -14.44 2.80
N PHE B 30 -42.94 -14.12 1.70
CA PHE B 30 -42.95 -12.75 1.19
C PHE B 30 -43.67 -11.81 2.13
N LYS B 31 -43.20 -10.57 2.19
CA LYS B 31 -43.82 -9.55 3.05
C LYS B 31 -44.81 -8.74 2.24
N VAL B 32 -46.10 -8.90 2.54
CA VAL B 32 -47.15 -8.26 1.76
C VAL B 32 -47.66 -6.95 2.38
N LEU B 33 -47.58 -5.88 1.60
CA LEU B 33 -48.12 -4.58 2.02
C LEU B 33 -49.28 -4.19 1.13
N GLN B 34 -50.48 -4.19 1.68
CA GLN B 34 -51.69 -3.88 0.90
C GLN B 34 -51.93 -2.38 0.79
N ALA B 35 -52.81 -2.00 -0.13
CA ALA B 35 -53.17 -0.60 -0.34
C ALA B 35 -54.52 -0.49 -1.04
N LEU B 36 -55.51 0.05 -0.33
CA LEU B 36 -56.87 0.12 -0.83
C LEU B 36 -57.02 1.14 -1.96
N ASN B 37 -56.25 2.22 -1.91
CA ASN B 37 -56.27 3.23 -2.96
C ASN B 37 -54.92 3.36 -3.66
N GLY B 38 -54.96 3.62 -4.96
CA GLY B 38 -53.76 3.78 -5.75
C GLY B 38 -52.92 4.93 -5.27
N LEU B 39 -53.50 5.76 -4.40
CA LEU B 39 -52.79 6.89 -3.82
C LEU B 39 -51.86 6.43 -2.69
N GLN B 40 -52.46 6.03 -1.58
CA GLN B 40 -51.69 5.65 -0.38
C GLN B 40 -50.58 4.65 -0.70
N GLY B 41 -50.76 3.86 -1.75
CA GLY B 41 -49.74 2.93 -2.18
C GLY B 41 -48.47 3.67 -2.56
N LEU B 42 -48.65 4.85 -3.17
CA LEU B 42 -47.52 5.70 -3.56
C LEU B 42 -46.89 6.38 -2.35
N GLN B 43 -47.65 6.45 -1.25
CA GLN B 43 -47.14 7.03 -0.02
C GLN B 43 -46.38 5.98 0.78
N ILE B 44 -46.87 4.75 0.73
CA ILE B 44 -46.21 3.62 1.39
C ILE B 44 -44.84 3.39 0.79
N PHE B 45 -44.73 3.58 -0.52
CA PHE B 45 -43.48 3.42 -1.23
C PHE B 45 -42.46 4.48 -0.81
N GLU B 46 -42.89 5.74 -0.81
CA GLU B 46 -42.02 6.86 -0.49
C GLU B 46 -41.48 6.82 0.94
N SER B 47 -42.18 6.09 1.81
CA SER B 47 -41.75 5.95 3.20
C SER B 47 -40.61 4.94 3.31
N GLU B 48 -40.93 3.66 3.10
CA GLU B 48 -39.92 2.62 3.07
C GLU B 48 -39.91 1.93 1.70
N GLN B 49 -38.90 2.26 0.89
CA GLN B 49 -38.80 1.72 -0.46
C GLN B 49 -38.99 0.21 -0.47
N PRO B 50 -40.11 -0.27 -1.01
CA PRO B 50 -40.39 -1.70 -1.16
C PRO B 50 -39.54 -2.32 -2.27
N ASP B 51 -39.44 -3.65 -2.28
CA ASP B 51 -38.62 -4.37 -3.27
C ASP B 51 -39.37 -4.61 -4.58
N LEU B 52 -40.67 -4.84 -4.49
CA LEU B 52 -41.49 -5.07 -5.67
C LEU B 52 -42.88 -4.48 -5.49
N VAL B 53 -43.44 -3.93 -6.57
CA VAL B 53 -44.76 -3.29 -6.48
C VAL B 53 -45.74 -3.82 -7.53
N ILE B 54 -46.65 -4.68 -7.11
CA ILE B 54 -47.62 -5.28 -8.03
C ILE B 54 -48.98 -4.59 -7.89
N CYS B 55 -49.48 -4.02 -8.99
CA CYS B 55 -50.70 -3.23 -8.93
C CYS B 55 -51.58 -3.36 -10.17
N ASP B 56 -52.80 -2.83 -10.07
CA ASP B 56 -53.73 -2.79 -11.18
C ASP B 56 -53.56 -1.45 -11.92
N LEU B 57 -54.58 -1.05 -12.67
CA LEU B 57 -54.52 0.22 -13.39
C LEU B 57 -55.81 1.03 -13.30
N ARG B 58 -56.96 0.35 -13.33
CA ARG B 58 -58.24 1.04 -13.23
C ARG B 58 -58.65 1.23 -11.77
N MSE B 59 -58.07 2.23 -11.13
CA MSE B 59 -58.25 2.46 -9.70
C MSE B 59 -58.70 3.88 -9.39
O MSE B 59 -58.41 4.82 -10.15
CB MSE B 59 -56.95 2.18 -8.96
CG MSE B 59 -56.43 0.77 -9.12
SE MSE B 59 -54.66 0.57 -8.34
CE MSE B 59 -53.69 1.86 -9.43
N PRO B 60 -59.42 4.05 -8.27
CA PRO B 60 -59.92 5.33 -7.77
C PRO B 60 -58.79 6.27 -7.37
N GLN B 61 -58.98 7.56 -7.60
CA GLN B 61 -57.92 8.55 -7.37
C GLN B 61 -56.81 8.39 -8.40
N ILE B 62 -55.62 8.01 -7.93
CA ILE B 62 -54.49 7.76 -8.82
C ILE B 62 -54.68 6.43 -9.57
N ASP B 63 -54.38 6.44 -10.86
CA ASP B 63 -54.48 5.22 -11.67
C ASP B 63 -53.13 4.51 -11.82
N GLY B 64 -53.15 3.35 -12.46
CA GLY B 64 -51.95 2.55 -12.64
C GLY B 64 -50.85 3.26 -13.40
N LEU B 65 -51.16 3.71 -14.61
CA LEU B 65 -50.18 4.35 -15.49
C LEU B 65 -49.42 5.50 -14.83
N GLU B 66 -50.06 6.15 -13.87
CA GLU B 66 -49.45 7.29 -13.18
C GLU B 66 -48.67 6.84 -11.96
N LEU B 67 -49.24 5.89 -11.21
CA LEU B 67 -48.58 5.35 -10.01
C LEU B 67 -47.11 5.08 -10.29
N ILE B 68 -46.84 4.55 -11.48
CA ILE B 68 -45.47 4.26 -11.87
C ILE B 68 -44.71 5.54 -12.25
N ARG B 69 -45.34 6.41 -13.03
CA ARG B 69 -44.68 7.60 -13.54
C ARG B 69 -43.88 8.35 -12.48
N ARG B 70 -44.30 8.25 -11.23
CA ARG B 70 -43.59 8.87 -10.13
C ARG B 70 -42.52 7.95 -9.57
N ILE B 71 -42.89 6.68 -9.36
CA ILE B 71 -41.94 5.70 -8.83
C ILE B 71 -40.65 5.66 -9.64
N ARG B 72 -40.74 6.04 -10.92
CA ARG B 72 -39.57 6.04 -11.79
C ARG B 72 -38.88 7.39 -11.83
N GLN B 73 -39.52 8.40 -11.23
CA GLN B 73 -38.96 9.75 -11.18
C GLN B 73 -38.40 10.07 -9.81
N THR B 74 -38.73 9.25 -8.82
CA THR B 74 -38.24 9.43 -7.46
C THR B 74 -36.81 8.88 -7.30
N ALA B 75 -36.21 8.48 -8.42
CA ALA B 75 -34.88 7.88 -8.42
C ALA B 75 -34.88 6.51 -7.76
N SER B 76 -36.06 5.98 -7.46
CA SER B 76 -36.20 4.66 -6.87
C SER B 76 -36.57 3.62 -7.92
N GLU B 77 -35.56 3.16 -8.65
CA GLU B 77 -35.79 2.17 -9.70
C GLU B 77 -36.05 0.78 -9.13
N THR B 78 -37.25 0.60 -8.58
CA THR B 78 -37.62 -0.68 -8.00
C THR B 78 -38.57 -1.44 -8.92
N PRO B 79 -38.43 -2.78 -8.97
CA PRO B 79 -39.22 -3.66 -9.82
C PRO B 79 -40.72 -3.40 -9.74
N ILE B 80 -41.36 -3.29 -10.90
CA ILE B 80 -42.80 -3.03 -10.97
C ILE B 80 -43.53 -4.08 -11.80
N ILE B 81 -44.21 -4.98 -11.12
CA ILE B 81 -45.03 -5.97 -11.79
C ILE B 81 -46.46 -5.46 -11.90
N VAL B 82 -47.19 -5.91 -12.91
CA VAL B 82 -48.56 -5.46 -13.13
C VAL B 82 -49.52 -6.63 -13.31
N LEU B 83 -50.25 -6.97 -12.25
CA LEU B 83 -51.26 -8.03 -12.35
C LEU B 83 -52.56 -7.47 -12.94
N SER B 84 -52.40 -6.61 -13.94
CA SER B 84 -53.53 -5.93 -14.58
C SER B 84 -54.78 -6.79 -14.74
N GLY B 85 -55.93 -6.16 -14.53
CA GLY B 85 -57.20 -6.82 -14.72
C GLY B 85 -57.99 -6.18 -15.86
N ALA B 86 -57.29 -5.45 -16.71
CA ALA B 86 -57.91 -4.80 -17.85
C ALA B 86 -57.33 -5.32 -19.17
N GLY B 87 -58.17 -5.43 -20.19
CA GLY B 87 -57.75 -5.95 -21.48
C GLY B 87 -57.31 -4.87 -22.45
N VAL B 88 -57.21 -3.64 -21.93
CA VAL B 88 -56.81 -2.51 -22.77
C VAL B 88 -55.41 -2.71 -23.32
N MET B 89 -55.24 -2.42 -24.60
CA MET B 89 -53.94 -2.60 -25.26
C MET B 89 -53.04 -1.40 -25.00
N SER B 90 -53.62 -0.21 -25.06
CA SER B 90 -52.87 1.03 -24.90
C SER B 90 -52.39 1.22 -23.46
N ASP B 91 -53.11 0.63 -22.51
CA ASP B 91 -52.71 0.70 -21.11
C ASP B 91 -51.56 -0.27 -20.81
N ALA B 92 -51.36 -1.23 -21.72
CA ALA B 92 -50.33 -2.25 -21.54
C ALA B 92 -49.04 -1.88 -22.26
N VAL B 93 -49.16 -1.24 -23.41
CA VAL B 93 -48.00 -0.80 -24.18
C VAL B 93 -47.23 0.26 -23.42
N GLU B 94 -47.96 1.21 -22.83
CA GLU B 94 -47.37 2.33 -22.10
C GLU B 94 -46.87 1.95 -20.72
N ALA B 95 -47.29 0.78 -20.26
CA ALA B 95 -46.84 0.25 -18.97
C ALA B 95 -45.42 -0.29 -19.11
N LEU B 96 -45.10 -0.75 -20.31
CA LEU B 96 -43.80 -1.35 -20.55
C LEU B 96 -42.91 -0.43 -21.39
N ARG B 97 -43.43 0.76 -21.69
CA ARG B 97 -42.62 1.82 -22.27
C ARG B 97 -41.81 2.47 -21.16
N LEU B 98 -42.44 2.62 -20.01
CA LEU B 98 -41.84 3.26 -18.85
C LEU B 98 -40.99 2.28 -18.07
N GLY B 99 -40.96 1.04 -18.56
CA GLY B 99 -40.17 -0.01 -17.92
C GLY B 99 -40.95 -0.75 -16.87
N ALA B 100 -41.48 -1.91 -17.25
CA ALA B 100 -42.19 -2.77 -16.32
C ALA B 100 -41.70 -4.20 -16.44
N ALA B 101 -41.64 -4.90 -15.31
CA ALA B 101 -41.12 -6.26 -15.29
C ALA B 101 -41.90 -7.18 -16.21
N ASP B 102 -43.08 -7.60 -15.75
CA ASP B 102 -43.85 -8.61 -16.46
C ASP B 102 -45.35 -8.33 -16.39
N TYR B 103 -45.91 -7.82 -17.49
CA TYR B 103 -47.33 -7.58 -17.58
C TYR B 103 -48.11 -8.89 -17.65
N LEU B 104 -49.16 -9.00 -16.86
CA LEU B 104 -50.02 -10.19 -16.86
C LEU B 104 -51.46 -9.82 -17.18
N ILE B 105 -52.34 -10.82 -17.21
CA ILE B 105 -53.75 -10.59 -17.47
C ILE B 105 -54.65 -11.25 -16.43
N LYS B 106 -55.91 -10.82 -16.39
CA LYS B 106 -56.87 -11.36 -15.44
C LYS B 106 -58.18 -11.70 -16.14
N PRO B 107 -58.97 -12.61 -15.55
CA PRO B 107 -58.58 -13.34 -14.34
C PRO B 107 -57.65 -14.51 -14.66
N LEU B 108 -56.56 -14.64 -13.92
CA LEU B 108 -55.65 -15.78 -14.08
C LEU B 108 -55.99 -16.86 -13.05
N GLU B 109 -56.03 -18.11 -13.52
CA GLU B 109 -56.48 -19.22 -12.68
C GLU B 109 -55.34 -19.83 -11.85
N ASP B 110 -54.14 -19.85 -12.42
CA ASP B 110 -52.99 -20.41 -11.73
C ASP B 110 -52.29 -19.35 -10.88
N LEU B 111 -52.43 -19.47 -9.56
CA LEU B 111 -51.86 -18.49 -8.64
C LEU B 111 -50.34 -18.58 -8.57
N ALA B 112 -49.75 -19.43 -9.40
CA ALA B 112 -48.30 -19.63 -9.37
C ALA B 112 -47.61 -18.87 -10.49
N VAL B 113 -48.30 -18.71 -11.62
CA VAL B 113 -47.74 -18.02 -12.77
C VAL B 113 -47.07 -16.73 -12.35
N LEU B 114 -47.63 -16.09 -11.32
CA LEU B 114 -47.10 -14.85 -10.78
C LEU B 114 -45.75 -15.06 -10.11
N GLU B 115 -45.68 -16.04 -9.22
CA GLU B 115 -44.44 -16.41 -8.56
C GLU B 115 -43.27 -16.35 -9.53
N HIS B 116 -43.44 -16.97 -10.69
CA HIS B 116 -42.40 -17.02 -11.70
C HIS B 116 -41.92 -15.62 -12.08
N SER B 117 -42.86 -14.78 -12.51
CA SER B 117 -42.54 -13.41 -12.91
C SER B 117 -42.15 -12.52 -11.73
N VAL B 118 -42.57 -12.91 -10.53
CA VAL B 118 -42.24 -12.16 -9.33
C VAL B 118 -40.75 -12.28 -9.02
N ARG B 119 -40.30 -13.50 -8.75
CA ARG B 119 -38.89 -13.75 -8.45
C ARG B 119 -38.02 -13.46 -9.67
N ARG B 120 -38.65 -13.30 -10.83
CA ARG B 120 -37.94 -12.89 -12.04
C ARG B 120 -37.34 -11.50 -11.86
N ALA B 121 -38.21 -10.50 -11.76
CA ALA B 121 -37.78 -9.12 -11.61
C ALA B 121 -36.84 -8.95 -10.42
N LEU B 122 -37.18 -9.57 -9.30
CA LEU B 122 -36.35 -9.50 -8.10
C LEU B 122 -34.90 -9.87 -8.39
N ASP B 123 -34.71 -10.83 -9.30
CA ASP B 123 -33.37 -11.26 -9.66
C ASP B 123 -32.64 -10.20 -10.48
N ARG B 124 -33.18 -9.88 -11.66
CA ARG B 124 -32.57 -8.89 -12.54
C ARG B 124 -32.37 -7.56 -11.83
N ALA B 125 -32.97 -7.43 -10.64
CA ALA B 125 -32.80 -6.25 -9.83
C ALA B 125 -31.69 -6.46 -8.81
N TYR B 126 -31.85 -7.47 -7.96
CA TYR B 126 -30.90 -7.77 -6.90
C TYR B 126 -29.45 -7.69 -7.37
N LEU B 127 -29.19 -8.10 -8.61
CA LEU B 127 -27.84 -8.02 -9.16
C LEU B 127 -27.35 -6.58 -9.10
N ARG B 128 -28.10 -5.69 -9.73
CA ARG B 128 -27.77 -4.26 -9.75
C ARG B 128 -27.43 -3.75 -8.36
N VAL B 129 -28.21 -4.16 -7.38
CA VAL B 129 -28.02 -3.70 -6.00
C VAL B 129 -26.59 -3.95 -5.53
N GLU B 130 -26.27 -5.21 -5.27
CA GLU B 130 -24.93 -5.56 -4.79
C GLU B 130 -23.87 -5.11 -5.80
N ASN B 131 -24.29 -4.86 -7.04
CA ASN B 131 -23.38 -4.36 -8.06
C ASN B 131 -22.93 -2.93 -7.73
N GLN B 132 -23.89 -2.08 -7.40
CA GLN B 132 -23.59 -0.72 -6.99
C GLN B 132 -22.96 -0.72 -5.60
N ARG B 133 -23.25 -1.77 -4.83
CA ARG B 133 -22.70 -1.90 -3.48
C ARG B 133 -21.26 -2.37 -3.51
N TYR B 134 -20.94 -3.17 -4.52
CA TYR B 134 -19.57 -3.61 -4.73
C TYR B 134 -18.73 -2.44 -5.23
N ARG B 135 -19.26 -1.73 -6.22
CA ARG B 135 -18.61 -0.53 -6.75
C ARG B 135 -18.28 0.43 -5.62
N ASP B 136 -19.26 0.70 -4.75
CA ASP B 136 -19.08 1.59 -3.61
C ASP B 136 -18.07 1.03 -2.60
N LYS B 137 -18.28 -0.23 -2.20
CA LYS B 137 -17.44 -0.86 -1.19
C LYS B 137 -16.09 -1.29 -1.76
N LEU B 138 -15.87 -1.01 -3.05
CA LEU B 138 -14.61 -1.32 -3.70
C LEU B 138 -13.77 -0.04 -3.81
N GLU B 139 -14.41 1.03 -4.29
CA GLU B 139 -13.76 2.33 -4.38
C GLU B 139 -13.50 2.87 -2.98
N ALA B 140 -14.33 2.46 -2.02
CA ALA B 140 -14.19 2.91 -0.64
C ALA B 140 -13.15 2.10 0.12
N ALA B 141 -13.12 0.79 -0.10
CA ALA B 141 -12.15 -0.08 0.56
C ALA B 141 -10.75 0.19 0.02
N ASN B 142 -10.67 1.05 -1.00
CA ASN B 142 -9.40 1.37 -1.64
C ASN B 142 -8.86 2.72 -1.18
N ARG B 143 -9.75 3.71 -1.06
CA ARG B 143 -9.36 5.05 -0.63
C ARG B 143 -8.89 5.07 0.82
N GLU B 144 -9.42 4.16 1.62
CA GLU B 144 -9.01 4.03 3.02
C GLU B 144 -7.83 3.07 3.10
N LEU B 145 -7.52 2.41 1.99
CA LEU B 145 -6.36 1.56 1.90
C LEU B 145 -5.13 2.40 1.56
N GLN B 146 -5.22 3.14 0.45
CA GLN B 146 -4.12 3.99 0.02
C GLN B 146 -3.77 5.03 1.09
N ALA B 147 -4.75 5.41 1.89
CA ALA B 147 -4.54 6.37 2.96
C ALA B 147 -3.67 5.79 4.07
N SER B 148 -3.50 4.46 4.06
CA SER B 148 -2.63 3.79 5.01
C SER B 148 -1.38 3.32 4.29
N LEU B 149 -1.30 3.65 3.00
CA LEU B 149 -0.17 3.25 2.17
C LEU B 149 0.71 4.44 1.82
N ASN B 150 0.09 5.61 1.62
CA ASN B 150 0.85 6.83 1.42
C ASN B 150 1.50 7.25 2.73
N LEU B 151 1.11 6.57 3.80
CA LEU B 151 1.75 6.73 5.10
C LEU B 151 3.14 6.11 5.04
N LEU B 152 3.24 5.02 4.29
CA LEU B 152 4.51 4.35 4.08
C LEU B 152 5.23 4.94 2.87
N GLN B 153 4.46 5.30 1.85
CA GLN B 153 5.01 5.86 0.62
C GLN B 153 5.71 7.21 0.88
N GLU B 154 5.33 7.87 1.97
CA GLU B 154 5.93 9.15 2.33
C GLU B 154 7.00 8.95 3.41
N ASP B 155 6.91 7.84 4.13
CA ASP B 155 7.90 7.50 5.15
C ASP B 155 9.18 7.01 4.49
N GLN B 156 9.05 6.48 3.28
CA GLN B 156 10.19 6.01 2.50
C GLN B 156 11.02 7.20 2.02
N ASN B 157 10.35 8.20 1.47
CA ASN B 157 11.01 9.41 1.00
C ASN B 157 11.69 10.18 2.13
N ALA B 158 11.27 9.91 3.36
CA ALA B 158 11.86 10.55 4.53
C ALA B 158 13.14 9.82 4.95
N GLY B 159 13.34 8.63 4.41
CA GLY B 159 14.53 7.85 4.68
C GLY B 159 15.43 7.78 3.46
N ARG B 160 14.99 8.39 2.37
CA ARG B 160 15.74 8.42 1.12
C ARG B 160 16.55 9.70 1.03
N GLN B 161 15.89 10.84 1.21
CA GLN B 161 16.55 12.13 1.16
C GLN B 161 17.56 12.27 2.31
N VAL B 162 17.40 11.46 3.34
CA VAL B 162 18.30 11.48 4.48
C VAL B 162 19.64 10.85 4.11
N GLN B 163 19.62 10.04 3.06
CA GLN B 163 20.85 9.41 2.57
C GLN B 163 21.46 10.21 1.42
N MSE B 164 20.63 10.97 0.72
CA MSE B 164 21.10 11.79 -0.40
C MSE B 164 22.18 12.77 0.03
O MSE B 164 23.14 13.01 -0.69
CB MSE B 164 19.93 12.53 -1.05
CG MSE B 164 18.98 11.63 -1.82
SE MSE B 164 19.80 10.79 -3.37
CE MSE B 164 18.28 9.77 -4.02
N ASN B 165 22.01 13.35 1.21
CA ASN B 165 22.97 14.31 1.74
C ASN B 165 24.04 13.62 2.59
N MSE B 166 24.12 12.30 2.45
CA MSE B 166 25.09 11.49 3.19
C MSE B 166 26.30 11.18 2.31
O MSE B 166 27.44 11.31 2.74
CB MSE B 166 24.44 10.19 3.67
CG MSE B 166 25.10 9.56 4.89
SE MSE B 166 24.10 8.01 5.54
CE MSE B 166 24.83 7.91 7.34
N LEU B 167 26.04 10.77 1.07
CA LEU B 167 27.10 10.52 0.10
C LEU B 167 27.63 11.83 -0.46
N PRO B 168 28.96 11.92 -0.66
CA PRO B 168 29.60 13.12 -1.21
C PRO B 168 29.01 13.51 -2.56
N VAL B 169 29.31 14.72 -3.02
CA VAL B 169 28.77 15.20 -4.28
C VAL B 169 29.69 14.88 -5.45
N THR B 170 29.11 14.85 -6.65
CA THR B 170 29.87 14.52 -7.86
C THR B 170 29.72 15.61 -8.91
N PRO B 171 30.76 15.80 -9.75
CA PRO B 171 32.04 15.10 -9.68
C PRO B 171 33.07 15.92 -8.90
N TRP B 172 33.33 15.54 -7.64
CA TRP B 172 34.31 16.24 -6.83
C TRP B 172 35.74 15.91 -7.26
N SER B 173 36.40 16.88 -7.89
CA SER B 173 37.75 16.67 -8.38
C SER B 173 38.79 17.41 -7.52
N ILE B 174 39.82 16.67 -7.11
CA ILE B 174 40.88 17.26 -6.29
C ILE B 174 42.27 16.84 -6.78
N GLU B 175 43.12 17.82 -7.02
CA GLU B 175 44.49 17.59 -7.46
C GLU B 175 44.56 16.95 -8.85
N GLY B 176 43.39 16.71 -9.44
CA GLY B 176 43.32 16.09 -10.76
C GLY B 176 42.47 14.83 -10.76
N LEU B 177 42.12 14.35 -9.56
CA LEU B 177 41.32 13.14 -9.42
C LEU B 177 39.83 13.48 -9.37
N GLU B 178 39.08 12.94 -10.32
CA GLU B 178 37.64 13.19 -10.40
C GLU B 178 36.85 12.02 -9.80
N PHE B 179 36.57 12.10 -8.51
CA PHE B 179 35.82 11.06 -7.81
C PHE B 179 34.33 11.14 -8.11
N SER B 180 33.93 10.63 -9.27
CA SER B 180 32.53 10.66 -9.68
C SER B 180 31.81 9.40 -9.23
N HIS B 181 30.49 9.50 -9.08
CA HIS B 181 29.68 8.32 -8.84
C HIS B 181 28.22 8.55 -9.25
N ARG B 182 27.44 7.47 -9.22
CA ARG B 182 26.05 7.52 -9.67
C ARG B 182 25.30 6.28 -9.19
N ILE B 183 24.58 6.42 -8.09
CA ILE B 183 23.83 5.32 -7.52
C ILE B 183 22.36 5.38 -7.94
N ILE B 184 21.79 4.22 -8.27
CA ILE B 184 20.39 4.14 -8.68
C ILE B 184 19.65 3.07 -7.88
N PRO B 185 19.28 3.41 -6.63
CA PRO B 185 18.58 2.48 -5.72
C PRO B 185 17.29 1.95 -6.32
N SER B 186 16.88 0.75 -5.91
CA SER B 186 15.65 0.14 -6.39
C SER B 186 14.42 0.63 -5.64
N LEU B 187 14.48 0.59 -4.31
CA LEU B 187 13.37 1.02 -3.48
C LEU B 187 13.80 2.07 -2.45
N TYR B 188 13.68 3.34 -2.83
CA TYR B 188 14.03 4.44 -1.95
C TYR B 188 15.51 4.39 -1.53
N LEU B 189 15.75 4.01 -0.28
CA LEU B 189 17.10 3.92 0.24
C LEU B 189 17.73 2.58 -0.11
N SER B 190 18.96 2.62 -0.64
CA SER B 190 19.63 1.41 -1.06
C SER B 190 20.61 0.90 0.00
N GLY B 191 20.90 -0.40 -0.06
CA GLY B 191 21.87 -1.00 0.83
C GLY B 191 23.28 -0.73 0.34
N ASP B 192 23.37 -0.09 -0.82
CA ASP B 192 24.65 0.31 -1.38
C ASP B 192 25.02 1.71 -0.90
N PHE B 193 26.28 1.91 -0.56
CA PHE B 193 26.74 3.20 -0.06
C PHE B 193 28.14 3.53 -0.56
N VAL B 194 28.33 4.75 -1.05
CA VAL B 194 29.64 5.19 -1.52
C VAL B 194 30.07 6.50 -0.86
N ASP B 195 31.29 6.51 -0.33
CA ASP B 195 31.81 7.70 0.34
C ASP B 195 33.33 7.83 0.13
N TYR B 196 33.78 9.06 -0.07
CA TYR B 196 35.21 9.34 -0.22
C TYR B 196 35.56 10.70 0.37
N PHE B 197 36.38 10.69 1.42
CA PHE B 197 36.76 11.93 2.09
C PHE B 197 38.28 12.10 2.13
N ARG B 198 38.72 13.34 2.23
CA ARG B 198 40.14 13.64 2.30
C ARG B 198 40.64 13.61 3.75
N VAL B 199 41.95 13.50 3.92
CA VAL B 199 42.55 13.50 5.24
C VAL B 199 43.73 14.46 5.29
N ASP B 200 43.50 15.65 5.83
CA ASP B 200 44.51 16.70 5.92
C ASP B 200 45.29 16.91 4.62
N GLU B 201 44.64 16.64 3.50
CA GLU B 201 45.19 16.94 2.18
C GLU B 201 46.28 15.98 1.73
N ARG B 202 47.02 15.42 2.68
CA ARG B 202 48.16 14.56 2.37
C ARG B 202 47.74 13.14 1.98
N ARG B 203 46.55 12.73 2.41
CA ARG B 203 46.06 11.40 2.11
C ARG B 203 44.58 11.38 1.72
N VAL B 204 44.24 10.53 0.76
CA VAL B 204 42.87 10.41 0.28
C VAL B 204 42.33 9.01 0.50
N ALA B 205 41.06 8.92 0.93
CA ALA B 205 40.42 7.63 1.15
C ALA B 205 39.12 7.50 0.35
N PHE B 206 38.65 6.27 0.18
CA PHE B 206 37.43 6.01 -0.58
C PHE B 206 36.96 4.57 -0.37
N TYR B 207 35.71 4.29 -0.75
CA TYR B 207 35.18 2.93 -0.68
C TYR B 207 33.82 2.77 -1.36
N LEU B 208 33.41 1.52 -1.53
CA LEU B 208 32.10 1.18 -2.10
C LEU B 208 31.57 -0.09 -1.44
N ALA B 209 30.41 0.01 -0.79
CA ALA B 209 29.86 -1.10 -0.03
C ALA B 209 28.50 -1.57 -0.57
N ASP B 210 28.19 -2.85 -0.35
CA ASP B 210 26.89 -3.41 -0.72
C ASP B 210 26.36 -4.27 0.42
N VAL B 211 25.36 -3.75 1.12
CA VAL B 211 24.75 -4.48 2.23
C VAL B 211 24.00 -5.70 1.72
N SER B 212 24.09 -6.81 2.46
CA SER B 212 23.41 -8.05 2.08
C SER B 212 21.97 -7.79 1.66
N GLY B 213 21.75 -7.76 0.35
CA GLY B 213 20.44 -7.50 -0.19
C GLY B 213 20.11 -6.03 -0.22
N HIS B 214 18.81 -5.73 -0.21
CA HIS B 214 18.34 -4.34 -0.26
C HIS B 214 17.15 -4.16 0.67
N GLY B 215 16.63 -2.95 0.72
CA GLY B 215 15.47 -2.65 1.53
C GLY B 215 15.79 -1.80 2.75
N ALA B 216 14.87 -1.76 3.70
CA ALA B 216 15.04 -0.99 4.92
C ALA B 216 16.16 -1.57 5.78
N SER B 217 16.07 -2.87 6.06
CA SER B 217 17.07 -3.55 6.88
C SER B 217 18.48 -3.34 6.36
N SER B 218 18.62 -3.30 5.04
CA SER B 218 19.94 -3.14 4.43
C SER B 218 20.44 -1.72 4.59
N ALA B 219 19.53 -0.78 4.85
CA ALA B 219 19.87 0.61 5.01
C ALA B 219 20.49 0.90 6.37
N PHE B 220 20.00 0.20 7.40
CA PHE B 220 20.50 0.40 8.76
C PHE B 220 22.02 0.31 8.82
N VAL B 221 22.60 -0.44 7.88
CA VAL B 221 24.04 -0.68 7.86
C VAL B 221 24.79 0.39 7.07
N THR B 222 24.10 0.99 6.10
CA THR B 222 24.70 2.05 5.29
C THR B 222 25.05 3.27 6.14
N VAL B 223 24.37 3.41 7.27
CA VAL B 223 24.60 4.54 8.18
C VAL B 223 25.78 4.29 9.12
N LEU B 224 25.77 3.12 9.77
CA LEU B 224 26.86 2.75 10.68
C LEU B 224 28.22 2.85 9.99
N LEU B 225 28.23 2.65 8.68
CA LEU B 225 29.46 2.73 7.91
C LEU B 225 29.91 4.19 7.75
N LYS B 226 28.97 5.07 7.43
CA LYS B 226 29.28 6.48 7.22
C LYS B 226 29.60 7.19 8.54
N PHE B 227 29.14 6.62 9.64
CA PHE B 227 29.34 7.23 10.95
C PHE B 227 30.72 6.91 11.54
N MSE B 228 31.16 5.67 11.38
CA MSE B 228 32.42 5.22 11.96
C MSE B 228 33.63 5.64 11.14
O MSE B 228 34.66 5.99 11.69
CB MSE B 228 32.41 3.71 12.14
CG MSE B 228 31.27 3.21 13.01
SE MSE B 228 31.05 1.28 12.88
CE MSE B 228 32.79 0.72 13.52
N THR B 229 33.48 5.60 9.82
CA THR B 229 34.57 5.97 8.92
C THR B 229 34.94 7.45 9.11
N THR B 230 33.94 8.27 9.40
CA THR B 230 34.16 9.69 9.62
C THR B 230 34.58 9.97 11.07
N ARG B 231 33.91 9.32 12.01
CA ARG B 231 34.21 9.50 13.43
C ARG B 231 35.65 9.15 13.76
N LEU B 232 36.23 8.25 12.98
CA LEU B 232 37.62 7.86 13.16
C LEU B 232 38.55 9.03 12.87
N LEU B 233 38.14 9.91 11.97
CA LEU B 233 38.93 11.07 11.62
C LEU B 233 39.18 11.97 12.82
N TYR B 234 38.12 12.30 13.55
CA TYR B 234 38.22 13.15 14.72
C TYR B 234 38.96 12.43 15.85
N GLU B 235 38.91 11.11 15.83
CA GLU B 235 39.56 10.28 16.85
C GLU B 235 41.07 10.18 16.62
N SER B 236 41.46 9.86 15.39
CA SER B 236 42.87 9.69 15.06
C SER B 236 43.62 11.01 15.00
N ARG B 237 44.90 10.96 15.35
CA ARG B 237 45.77 12.13 15.28
C ARG B 237 46.75 11.98 14.11
N ARG B 238 46.41 11.08 13.20
CA ARG B 238 47.24 10.81 12.04
C ARG B 238 46.69 11.49 10.79
N PHE B 245 46.58 3.44 9.74
CA PHE B 245 47.69 2.88 8.96
C PHE B 245 47.17 2.00 7.82
N LYS B 246 47.08 0.70 8.11
CA LYS B 246 46.65 -0.27 7.09
C LYS B 246 45.18 -0.07 6.71
N PRO B 247 44.91 -0.01 5.40
CA PRO B 247 43.53 0.07 4.91
C PRO B 247 42.74 -1.14 5.37
N SER B 248 43.45 -2.20 5.77
CA SER B 248 42.79 -3.41 6.26
C SER B 248 42.31 -3.21 7.69
N GLU B 249 43.04 -2.39 8.45
CA GLU B 249 42.68 -2.11 9.83
C GLU B 249 41.32 -1.42 9.93
N VAL B 250 40.96 -0.70 8.89
CA VAL B 250 39.64 -0.07 8.82
C VAL B 250 38.56 -1.13 8.79
N LEU B 251 38.71 -2.09 7.89
CA LEU B 251 37.77 -3.21 7.77
C LEU B 251 37.64 -3.95 9.09
N ALA B 252 38.76 -4.10 9.79
CA ALA B 252 38.76 -4.77 11.09
C ALA B 252 37.92 -4.01 12.09
N HIS B 253 37.77 -2.70 11.87
CA HIS B 253 36.96 -1.87 12.76
C HIS B 253 35.47 -2.07 12.51
N ILE B 254 35.08 -1.97 11.24
CA ILE B 254 33.71 -2.27 10.85
C ILE B 254 33.35 -3.68 11.32
N ASN B 255 34.32 -4.58 11.21
CA ASN B 255 34.18 -5.96 11.66
C ASN B 255 33.59 -6.05 13.06
N ARG B 256 34.44 -5.86 14.07
CA ARG B 256 34.01 -5.93 15.46
C ARG B 256 32.68 -5.22 15.69
N GLY B 257 32.48 -4.12 14.95
CA GLY B 257 31.25 -3.35 15.08
C GLY B 257 30.03 -4.13 14.65
N LEU B 258 29.99 -4.50 13.37
CA LEU B 258 28.90 -5.29 12.84
C LEU B 258 28.84 -6.65 13.51
N ILE B 259 29.92 -7.01 14.21
CA ILE B 259 29.98 -8.28 14.93
C ILE B 259 29.45 -8.14 16.35
N ASN B 260 29.42 -6.91 16.86
CA ASN B 260 28.92 -6.66 18.21
C ASN B 260 27.40 -6.48 18.24
N THR B 261 26.69 -7.59 18.12
CA THR B 261 25.22 -7.60 18.14
C THR B 261 24.61 -6.47 17.31
N LYS B 262 25.25 -6.15 16.18
CA LYS B 262 24.79 -5.06 15.34
C LYS B 262 23.86 -5.55 14.22
N LEU B 263 22.67 -5.99 14.60
CA LEU B 263 21.64 -6.42 13.65
C LEU B 263 21.91 -7.81 13.10
N GLY B 264 23.16 -8.06 12.72
CA GLY B 264 23.54 -9.33 12.13
C GLY B 264 23.49 -9.27 10.62
N LYS B 265 24.03 -8.21 10.05
CA LYS B 265 24.07 -8.06 8.60
C LYS B 265 25.51 -7.83 8.14
N HIS B 266 25.90 -8.54 7.08
CA HIS B 266 27.23 -8.42 6.53
C HIS B 266 27.24 -7.50 5.31
N VAL B 267 28.41 -6.99 4.96
CA VAL B 267 28.52 -6.13 3.79
C VAL B 267 29.82 -6.37 3.03
N THR B 268 29.74 -6.33 1.69
CA THR B 268 30.90 -6.50 0.84
C THR B 268 31.55 -5.16 0.54
N MSE B 269 32.83 -5.02 0.86
CA MSE B 269 33.53 -3.74 0.76
C MSE B 269 34.69 -3.73 -0.25
O MSE B 269 35.06 -4.77 -0.79
CB MSE B 269 34.05 -3.30 2.14
CG MSE B 269 32.95 -3.04 3.16
SE MSE B 269 33.63 -2.56 4.93
CE MSE B 269 34.55 -4.23 5.36
N LEU B 270 35.23 -2.54 -0.49
CA LEU B 270 36.38 -2.35 -1.38
C LEU B 270 37.14 -1.08 -1.04
N GLY B 271 37.66 -0.99 0.19
CA GLY B 271 38.32 0.21 0.65
C GLY B 271 39.74 0.40 0.15
N GLY B 272 40.31 1.59 0.40
CA GLY B 272 41.66 1.90 -0.03
C GLY B 272 42.05 3.34 0.24
N VAL B 273 43.34 3.59 0.36
CA VAL B 273 43.84 4.94 0.62
C VAL B 273 44.97 5.32 -0.34
N ILE B 274 44.68 6.27 -1.23
CA ILE B 274 45.63 6.69 -2.25
C ILE B 274 46.45 7.90 -1.80
N ASP B 275 47.76 7.81 -1.96
CA ASP B 275 48.66 8.91 -1.63
C ASP B 275 48.93 9.77 -2.86
N LEU B 276 48.75 11.08 -2.72
CA LEU B 276 48.88 11.99 -3.83
C LEU B 276 50.31 12.48 -4.07
N GLU B 277 51.21 12.11 -3.17
CA GLU B 277 52.60 12.55 -3.26
C GLU B 277 53.51 11.52 -3.92
N LYS B 278 53.11 10.26 -3.87
CA LYS B 278 53.91 9.19 -4.44
C LYS B 278 53.12 8.42 -5.51
N ASN B 279 51.88 8.85 -5.73
CA ASN B 279 51.03 8.21 -6.72
C ASN B 279 50.85 6.72 -6.45
N SER B 280 50.62 6.38 -5.20
CA SER B 280 50.47 4.98 -4.80
C SER B 280 49.09 4.70 -4.22
N LEU B 281 48.54 3.54 -4.57
CA LEU B 281 47.24 3.11 -4.06
C LEU B 281 47.40 1.89 -3.15
N THR B 282 46.76 1.94 -1.99
CA THR B 282 46.80 0.84 -1.05
C THR B 282 45.39 0.34 -0.75
N TYR B 283 44.95 -0.66 -1.52
CA TYR B 283 43.59 -1.17 -1.41
C TYR B 283 43.53 -2.47 -0.61
N SER B 284 42.50 -2.62 0.21
CA SER B 284 42.27 -3.84 0.96
C SER B 284 40.85 -4.33 0.72
N ILE B 285 40.72 -5.57 0.27
CA ILE B 285 39.40 -6.10 -0.10
C ILE B 285 38.98 -7.26 0.79
N GLY B 286 37.67 -7.37 1.04
CA GLY B 286 37.13 -8.41 1.90
C GLY B 286 35.86 -9.05 1.38
N GLY B 287 35.49 -8.72 0.15
CA GLY B 287 34.32 -9.31 -0.48
C GLY B 287 34.62 -9.79 -1.89
N HIS B 288 33.97 -10.88 -2.30
CA HIS B 288 34.23 -11.51 -3.59
C HIS B 288 33.55 -10.81 -4.77
N LEU B 289 32.98 -9.64 -4.52
CA LEU B 289 32.28 -8.90 -5.56
C LEU B 289 33.20 -8.54 -6.73
N PRO B 290 32.61 -8.19 -7.89
CA PRO B 290 33.39 -7.83 -9.09
C PRO B 290 34.54 -6.87 -8.78
N LEU B 291 35.76 -7.40 -8.81
CA LEU B 291 36.97 -6.65 -8.47
C LEU B 291 37.08 -5.30 -9.19
N PRO B 292 37.85 -4.37 -8.60
CA PRO B 292 38.09 -3.01 -9.14
C PRO B 292 38.82 -3.02 -10.49
N VAL B 293 38.10 -2.66 -11.55
CA VAL B 293 38.69 -2.62 -12.89
C VAL B 293 39.37 -1.29 -13.18
N LEU B 294 40.62 -1.33 -13.61
CA LEU B 294 41.35 -0.11 -13.94
C LEU B 294 41.43 0.10 -15.44
N PHE B 295 41.29 1.36 -15.86
CA PHE B 295 41.27 1.71 -17.27
C PHE B 295 42.51 2.53 -17.62
N VAL B 296 43.53 1.87 -18.16
CA VAL B 296 44.76 2.56 -18.55
C VAL B 296 45.07 2.34 -20.03
N GLU B 297 44.86 3.39 -20.82
CA GLU B 297 45.13 3.36 -22.25
C GLU B 297 44.24 2.34 -22.98
N GLY B 298 42.93 2.47 -22.80
CA GLY B 298 41.97 1.62 -23.48
C GLY B 298 41.98 0.17 -23.01
N GLN B 299 42.72 -0.10 -21.94
CA GLN B 299 42.83 -1.46 -21.41
C GLN B 299 41.98 -1.65 -20.15
N ALA B 300 41.89 -2.90 -19.70
CA ALA B 300 41.12 -3.22 -18.51
C ALA B 300 41.67 -4.47 -17.83
N GLY B 301 41.48 -4.56 -16.51
CA GLY B 301 41.96 -5.70 -15.75
C GLY B 301 41.70 -5.55 -14.26
N TYR B 302 41.28 -6.63 -13.63
CA TYR B 302 40.98 -6.64 -12.21
C TYR B 302 42.25 -6.56 -11.36
N LEU B 303 42.11 -6.83 -10.06
CA LEU B 303 43.26 -6.81 -9.15
C LEU B 303 43.29 -8.09 -8.31
N GLU B 304 44.46 -8.42 -7.77
CA GLU B 304 44.61 -9.62 -6.95
C GLU B 304 44.40 -9.33 -5.47
N GLY B 305 43.29 -9.83 -4.92
CA GLY B 305 42.96 -9.62 -3.52
C GLY B 305 41.74 -10.41 -3.06
N ARG B 306 41.64 -10.61 -1.74
CA ARG B 306 40.55 -11.39 -1.17
C ARG B 306 40.11 -10.85 0.18
N VAL B 310 33.81 -8.00 4.81
CA VAL B 310 32.67 -8.78 5.28
C VAL B 310 32.21 -8.35 6.68
N GLY B 311 33.08 -8.49 7.66
CA GLY B 311 32.78 -8.04 9.01
C GLY B 311 31.84 -8.95 9.78
N LEU B 312 31.51 -10.09 9.19
CA LEU B 312 30.62 -11.04 9.84
C LEU B 312 31.40 -12.10 10.61
N PHE B 313 32.66 -12.30 10.24
CA PHE B 313 33.53 -13.27 10.89
C PHE B 313 34.35 -12.62 12.00
N ASP B 314 34.38 -13.27 13.16
CA ASP B 314 35.13 -12.74 14.30
C ASP B 314 36.63 -12.86 14.06
N ASP B 315 37.01 -13.09 12.80
CA ASP B 315 38.40 -13.06 12.40
C ASP B 315 38.63 -12.02 11.32
N ALA B 316 39.36 -10.97 11.65
CA ALA B 316 39.66 -9.92 10.69
C ALA B 316 40.12 -10.53 9.37
N THR B 317 41.34 -11.06 9.37
CA THR B 317 41.90 -11.78 8.23
C THR B 317 41.78 -10.98 6.93
N TYR B 318 42.01 -9.68 7.02
CA TYR B 318 41.95 -8.81 5.85
C TYR B 318 43.34 -8.46 5.35
N ASP B 319 43.49 -8.35 4.04
CA ASP B 319 44.79 -8.07 3.42
C ASP B 319 44.73 -6.88 2.47
N ASP B 320 45.89 -6.30 2.18
CA ASP B 320 45.99 -5.16 1.27
C ASP B 320 47.17 -5.31 0.32
N ARG B 321 47.08 -4.71 -0.86
CA ARG B 321 48.14 -4.84 -1.86
C ARG B 321 48.60 -3.48 -2.39
N VAL B 322 49.77 -3.05 -1.95
CA VAL B 322 50.36 -1.79 -2.41
C VAL B 322 50.55 -1.81 -3.92
N MSE B 323 50.21 -0.70 -4.57
CA MSE B 323 50.32 -0.59 -6.02
C MSE B 323 50.58 0.85 -6.44
O MSE B 323 50.10 1.79 -5.80
CB MSE B 323 49.04 -1.12 -6.70
CG MSE B 323 49.18 -1.35 -8.19
SE MSE B 323 47.55 -2.02 -9.01
CE MSE B 323 46.41 -0.45 -8.79
N GLU B 324 51.33 1.02 -7.52
CA GLU B 324 51.65 2.35 -8.04
C GLU B 324 50.61 2.79 -9.07
N LEU B 325 50.63 4.08 -9.41
CA LEU B 325 49.65 4.65 -10.34
C LEU B 325 50.31 5.40 -11.49
N PRO B 326 49.93 5.05 -12.73
CA PRO B 326 50.41 5.72 -13.94
C PRO B 326 49.79 7.10 -14.11
N PRO B 327 50.35 7.93 -15.01
CA PRO B 327 49.80 9.26 -15.29
C PRO B 327 48.32 9.18 -15.65
N SER B 328 47.96 8.26 -16.53
CA SER B 328 46.57 8.04 -16.90
C SER B 328 45.97 6.93 -16.04
N PHE B 329 44.87 7.23 -15.35
CA PHE B 329 44.30 6.30 -14.39
C PHE B 329 42.78 6.48 -14.26
N SER B 330 42.06 5.36 -14.16
CA SER B 330 40.61 5.38 -14.03
C SER B 330 40.07 4.14 -13.33
N LEU B 331 40.25 4.09 -12.01
CA LEU B 331 39.78 2.96 -11.21
C LEU B 331 38.26 2.94 -11.11
N SER B 332 37.65 1.79 -11.39
CA SER B 332 36.20 1.66 -11.39
C SER B 332 35.70 0.55 -10.46
N LEU B 333 34.91 0.93 -9.47
CA LEU B 333 34.32 -0.02 -8.53
C LEU B 333 32.88 -0.32 -8.93
N PHE B 334 32.38 -1.50 -8.54
CA PHE B 334 31.01 -1.89 -8.86
C PHE B 334 30.40 -2.79 -7.78
N SER B 335 29.08 -2.72 -7.64
CA SER B 335 28.39 -3.52 -6.63
C SER B 335 27.71 -4.73 -7.24
N ASP B 336 26.84 -5.38 -6.47
CA ASP B 336 26.15 -6.57 -6.96
C ASP B 336 25.11 -6.27 -8.04
N GLY B 337 25.42 -5.28 -8.88
CA GLY B 337 24.56 -4.93 -10.00
C GLY B 337 25.04 -5.58 -11.29
N ILE B 338 24.53 -6.78 -11.56
CA ILE B 338 24.93 -7.54 -12.74
C ILE B 338 23.88 -7.47 -13.85
N LEU B 339 24.34 -7.63 -15.10
CA LEU B 339 23.47 -7.70 -16.28
C LEU B 339 22.51 -6.51 -16.41
N ASP B 340 22.81 -5.43 -15.71
CA ASP B 340 22.00 -4.23 -15.79
C ASP B 340 22.30 -3.47 -17.08
N VAL B 341 21.48 -3.70 -18.11
CA VAL B 341 21.68 -3.07 -19.40
C VAL B 341 20.63 -2.01 -19.69
N GLY B 344 25.52 -8.97 -21.39
CA GLY B 344 25.37 -10.42 -21.31
C GLY B 344 24.97 -10.88 -19.93
N ALA B 345 24.66 -12.17 -19.81
CA ALA B 345 24.24 -12.73 -18.53
C ALA B 345 24.21 -14.26 -18.55
N THR B 346 23.43 -14.83 -17.64
CA THR B 346 23.21 -16.28 -17.56
C THR B 346 24.48 -17.11 -17.40
N LEU B 347 25.58 -16.46 -16.99
CA LEU B 347 26.84 -17.16 -16.79
C LEU B 347 27.76 -16.36 -15.87
N LYS B 348 28.21 -16.98 -14.78
CA LYS B 348 29.04 -16.31 -13.80
C LYS B 348 30.40 -15.88 -14.36
N GLU B 349 31.18 -16.86 -14.83
CA GLU B 349 32.51 -16.59 -15.33
C GLU B 349 32.50 -15.65 -16.53
N LYS B 350 31.49 -15.80 -17.39
CA LYS B 350 31.36 -14.97 -18.57
C LYS B 350 30.99 -13.54 -18.18
N GLU B 351 30.30 -13.37 -17.06
CA GLU B 351 29.92 -12.06 -16.58
C GLU B 351 30.91 -11.57 -15.53
N ALA B 352 31.93 -12.37 -15.27
CA ALA B 352 32.99 -12.00 -14.34
C ALA B 352 34.18 -11.48 -15.12
N SER B 353 34.00 -11.33 -16.42
CA SER B 353 35.04 -10.79 -17.29
C SER B 353 34.41 -10.03 -18.46
N LEU B 354 33.09 -9.84 -18.40
CA LEU B 354 32.39 -9.04 -19.40
C LEU B 354 32.40 -7.55 -19.02
N PRO B 355 32.11 -7.23 -17.75
CA PRO B 355 32.14 -5.84 -17.31
C PRO B 355 33.46 -5.13 -17.66
N GLU B 356 34.57 -5.85 -17.56
CA GLU B 356 35.87 -5.25 -17.87
C GLU B 356 35.99 -4.92 -19.36
N GLN B 357 35.40 -5.76 -20.20
CA GLN B 357 35.42 -5.54 -21.64
C GLN B 357 34.37 -4.52 -22.05
N VAL B 358 33.29 -4.46 -21.28
CA VAL B 358 32.23 -3.49 -21.54
C VAL B 358 32.66 -2.09 -21.07
N ALA B 359 33.29 -2.04 -19.90
CA ALA B 359 33.75 -0.77 -19.34
C ALA B 359 34.93 -0.20 -20.12
N ALA B 360 35.77 -1.09 -20.64
CA ALA B 360 36.91 -0.68 -21.46
C ALA B 360 36.43 -0.16 -22.81
N ALA B 361 35.33 -0.73 -23.29
CA ALA B 361 34.74 -0.31 -24.56
C ALA B 361 33.96 0.98 -24.41
N GLY B 362 33.41 1.18 -23.21
CA GLY B 362 32.65 2.39 -22.91
C GLY B 362 33.54 3.61 -22.79
N GLY B 363 32.92 4.77 -22.61
CA GLY B 363 33.65 6.01 -22.49
C GLY B 363 34.24 6.22 -21.11
N THR B 364 34.99 5.22 -20.65
CA THR B 364 35.69 5.29 -19.36
C THR B 364 34.73 5.17 -18.17
N LEU B 365 33.69 5.99 -18.15
CA LEU B 365 32.74 5.97 -17.04
C LEU B 365 31.33 6.46 -17.39
N ASP B 366 31.17 7.77 -17.50
CA ASP B 366 29.86 8.37 -17.73
C ASP B 366 29.18 7.83 -18.98
N GLY B 367 29.77 8.10 -20.14
CA GLY B 367 29.20 7.70 -21.42
C GLY B 367 28.46 6.38 -21.40
N LEU B 368 29.19 5.30 -21.12
CA LEU B 368 28.60 3.97 -21.13
C LEU B 368 27.58 3.79 -20.02
N ARG B 369 27.98 4.16 -18.81
CA ARG B 369 27.11 4.03 -17.64
C ARG B 369 25.80 4.78 -17.81
N GLN B 370 25.86 5.89 -18.56
CA GLN B 370 24.67 6.71 -18.80
C GLN B 370 23.70 6.01 -19.73
N VAL B 371 24.23 5.22 -20.67
CA VAL B 371 23.40 4.49 -21.60
C VAL B 371 22.63 3.38 -20.90
N PHE B 372 23.23 2.85 -19.84
CA PHE B 372 22.59 1.80 -19.05
C PHE B 372 21.56 2.35 -18.09
N GLY B 373 21.84 3.56 -17.57
CA GLY B 373 21.00 4.17 -16.56
C GLY B 373 19.63 4.58 -17.07
N LEU B 374 19.60 5.35 -18.15
CA LEU B 374 18.34 5.85 -18.68
C LEU B 374 17.54 4.78 -19.42
N ALA B 375 18.24 3.81 -20.00
CA ALA B 375 17.60 2.74 -20.76
C ALA B 375 16.77 1.83 -19.85
N ASN B 376 17.42 1.26 -18.83
CA ASN B 376 16.74 0.37 -17.91
C ASN B 376 16.66 0.90 -16.48
N LEU B 377 15.75 1.82 -16.25
CA LEU B 377 15.50 2.34 -14.91
C LEU B 377 14.80 1.28 -14.07
N ALA B 378 14.48 0.15 -14.69
CA ALA B 378 13.82 -0.96 -14.00
C ALA B 378 14.60 -1.38 -12.77
N GLU B 379 13.88 -1.68 -11.69
CA GLU B 379 14.51 -2.05 -10.43
C GLU B 379 15.18 -3.42 -10.50
N MET B 380 16.49 -3.42 -10.68
CA MET B 380 17.27 -4.65 -10.64
C MET B 380 17.28 -5.17 -9.21
N PRO B 381 16.79 -6.40 -9.00
CA PRO B 381 16.83 -7.00 -7.66
C PRO B 381 18.18 -6.70 -7.00
N ASP B 382 18.18 -6.54 -5.68
CA ASP B 382 19.34 -6.00 -4.99
C ASP B 382 19.50 -4.54 -5.41
N ASP B 383 20.64 -3.92 -5.09
CA ASP B 383 20.87 -2.53 -5.46
C ASP B 383 22.10 -2.39 -6.34
N ILE B 384 22.02 -1.49 -7.31
CA ILE B 384 23.12 -1.27 -8.26
C ILE B 384 23.81 0.06 -8.01
N ALA B 385 25.08 0.01 -7.62
CA ALA B 385 25.86 1.21 -7.34
C ALA B 385 27.22 1.17 -8.01
N LEU B 386 27.79 2.34 -8.30
CA LEU B 386 29.08 2.42 -8.96
C LEU B 386 29.87 3.68 -8.57
N LEU B 387 31.15 3.49 -8.27
CA LEU B 387 32.03 4.59 -7.90
C LEU B 387 33.26 4.64 -8.81
N VAL B 388 33.24 5.57 -9.76
CA VAL B 388 34.32 5.65 -10.74
C VAL B 388 35.26 6.83 -10.51
N LEU B 389 36.55 6.55 -10.47
CA LEU B 389 37.57 7.59 -10.35
C LEU B 389 38.18 7.85 -11.72
N SER B 390 38.79 9.03 -11.89
CA SER B 390 39.41 9.37 -13.17
C SER B 390 40.62 10.30 -12.99
N ARG B 391 41.55 10.23 -13.95
CA ARG B 391 42.78 11.00 -13.86
C ARG B 391 43.52 11.02 -15.20
N ASN B 392 43.31 12.08 -15.98
CA ASN B 392 43.98 12.23 -17.27
C ASN B 392 43.87 13.65 -17.82
#